data_2VXX
#
_entry.id   2VXX
#
_cell.length_a   174.504
_cell.length_b   174.504
_cell.length_c   174.504
_cell.angle_alpha   90.00
_cell.angle_beta   90.00
_cell.angle_gamma   90.00
#
_symmetry.space_group_name_H-M   'I 2 3'
#
loop_
_entity.id
_entity.type
_entity.pdbx_description
1 polymer 'STARVATION INDUCED DNA BINDING PROTEIN'
2 non-polymer 'ZINC ION'
3 non-polymer 'FE (III) ION'
4 non-polymer 'TETRAETHYLENE GLYCOL'
5 non-polymer DI(HYDROXYETHYL)ETHER
6 water water
#
_entity_poly.entity_id   1
_entity_poly.type   'polypeptide(L)'
_entity_poly.pdbx_seq_one_letter_code
;MTTSALPRQAFGEMADTVILLEKATTTPICEGMNRLLASFQALYLQYQKHHFVVEGAEFYPLHQFFQDCYEQVQDHVHAL
GERLNGLGGVPVAGFQQLAALCCFTPEPEGAFNCRQMLSNDLQAEQAIIGVLRQQATQAESLGDRATAYLYDQILLKTEE
RAYHIGHFLANDSLKVLKVKLADGREHHHHHH
;
_entity_poly.pdbx_strand_id   A,B,C,D
#
loop_
_chem_comp.id
_chem_comp.type
_chem_comp.name
_chem_comp.formula
FE non-polymer 'FE (III) ION' 'Fe 3'
PEG non-polymer DI(HYDROXYETHYL)ETHER 'C4 H10 O3'
PG4 non-polymer 'TETRAETHYLENE GLYCOL' 'C8 H18 O5'
ZN non-polymer 'ZINC ION' 'Zn 2'
#
# COMPACT_ATOMS: atom_id res chain seq x y z
N ALA A 5 2.77 24.36 -37.43
CA ALA A 5 3.98 24.65 -36.61
C ALA A 5 4.73 23.38 -36.25
N LEU A 6 6.05 23.44 -36.26
CA LEU A 6 6.88 22.28 -35.94
C LEU A 6 7.36 22.32 -34.49
N PRO A 7 7.49 21.14 -33.85
CA PRO A 7 7.95 21.04 -32.46
C PRO A 7 9.43 21.36 -32.31
N ARG A 8 9.83 21.81 -31.12
CA ARG A 8 11.23 21.97 -30.76
C ARG A 8 11.96 20.63 -30.86
N GLN A 9 11.31 19.57 -30.41
CA GLN A 9 11.81 18.21 -30.55
C GLN A 9 10.67 17.32 -31.04
N ALA A 10 10.91 16.64 -32.16
CA ALA A 10 9.92 15.75 -32.76
C ALA A 10 9.81 14.47 -31.96
N PHE A 11 8.61 13.90 -31.89
CA PHE A 11 8.41 12.61 -31.24
C PHE A 11 9.31 11.57 -31.94
N GLY A 12 9.99 10.76 -31.15
CA GLY A 12 10.96 9.79 -31.67
C GLY A 12 12.35 10.35 -31.97
N GLU A 13 12.54 11.65 -31.74
CA GLU A 13 13.84 12.28 -31.89
C GLU A 13 14.54 12.30 -30.51
N MET A 14 15.82 11.94 -30.50
CA MET A 14 16.58 11.96 -29.26
C MET A 14 17.46 13.19 -29.18
N ALA A 15 17.40 13.88 -28.04
CA ALA A 15 18.31 14.98 -27.75
C ALA A 15 19.32 14.48 -26.73
N ASP A 16 20.43 15.22 -26.56
CA ASP A 16 21.44 14.88 -25.55
C ASP A 16 20.93 15.15 -24.16
N THR A 17 21.37 14.34 -23.21
CA THR A 17 21.04 14.53 -21.80
C THR A 17 22.20 15.20 -21.05
N VAL A 18 21.87 16.01 -20.05
CA VAL A 18 22.89 16.64 -19.21
C VAL A 18 23.48 15.68 -18.17
N ILE A 19 22.96 14.45 -18.11
CA ILE A 19 23.39 13.49 -17.08
C ILE A 19 24.47 12.50 -17.54
N LEU A 20 25.09 12.82 -18.67
CA LEU A 20 26.28 12.13 -19.20
C LEU A 20 26.08 10.66 -19.52
N LEU A 21 25.02 10.37 -20.27
CA LEU A 21 24.84 9.05 -20.87
C LEU A 21 24.77 9.23 -22.39
N GLU A 22 25.52 8.38 -23.10
CA GLU A 22 25.53 8.42 -24.56
CA GLU A 22 25.54 8.37 -24.57
C GLU A 22 24.15 8.05 -25.11
N LYS A 23 23.85 8.56 -26.31
CA LYS A 23 22.59 8.27 -26.99
C LYS A 23 22.33 6.78 -27.21
N ALA A 24 23.41 6.02 -27.45
CA ALA A 24 23.29 4.57 -27.62
C ALA A 24 22.78 3.88 -26.35
N THR A 25 22.84 4.58 -25.21
CA THR A 25 22.27 4.11 -23.95
C THR A 25 20.85 4.65 -23.76
N THR A 26 20.69 5.96 -23.91
CA THR A 26 19.42 6.63 -23.65
C THR A 26 18.33 6.27 -24.66
N THR A 27 18.72 6.00 -25.90
CA THR A 27 17.74 5.72 -26.96
C THR A 27 16.92 4.44 -26.67
N PRO A 28 17.60 3.29 -26.48
CA PRO A 28 16.81 2.09 -26.12
C PRO A 28 16.07 2.24 -24.78
N ILE A 29 16.69 2.96 -23.84
CA ILE A 29 16.07 3.17 -22.53
C ILE A 29 14.80 4.01 -22.60
N CYS A 30 14.84 5.10 -23.37
CA CYS A 30 13.65 5.93 -23.62
C CYS A 30 12.59 5.20 -24.42
N GLU A 31 13.04 4.35 -25.35
CA GLU A 31 12.12 3.54 -26.15
C GLU A 31 11.24 2.67 -25.25
N GLY A 32 11.87 1.97 -24.31
CA GLY A 32 11.17 1.11 -23.38
C GLY A 32 10.35 1.90 -22.39
N MET A 33 10.91 3.01 -21.91
CA MET A 33 10.24 3.86 -20.92
C MET A 33 8.93 4.44 -21.46
N ASN A 34 8.89 4.72 -22.76
CA ASN A 34 7.66 5.17 -23.43
C ASN A 34 6.57 4.11 -23.47
N ARG A 35 6.98 2.86 -23.66
CA ARG A 35 6.04 1.73 -23.61
C ARG A 35 5.44 1.59 -22.21
N LEU A 36 6.30 1.70 -21.19
CA LEU A 36 5.83 1.62 -19.81
C LEU A 36 4.93 2.80 -19.46
N LEU A 37 5.33 3.99 -19.89
CA LEU A 37 4.50 5.19 -19.74
C LEU A 37 3.12 5.00 -20.35
N ALA A 38 3.08 4.58 -21.62
CA ALA A 38 1.81 4.35 -22.28
C ALA A 38 0.99 3.29 -21.56
N SER A 39 1.65 2.21 -21.14
CA SER A 39 0.96 1.11 -20.47
C SER A 39 0.37 1.54 -19.12
N PHE A 40 1.14 2.28 -18.32
CA PHE A 40 0.68 2.80 -17.04
C PHE A 40 -0.44 3.83 -17.22
N GLN A 41 -0.31 4.67 -18.25
CA GLN A 41 -1.34 5.64 -18.57
C GLN A 41 -2.68 4.93 -18.89
N ALA A 42 -2.62 3.85 -19.67
CA ALA A 42 -3.82 3.08 -20.01
C ALA A 42 -4.38 2.41 -18.77
N LEU A 43 -3.50 1.85 -17.94
CA LEU A 43 -3.91 1.16 -16.72
C LEU A 43 -4.52 2.13 -15.71
N TYR A 44 -4.00 3.34 -15.67
CA TYR A 44 -4.58 4.42 -14.90
C TYR A 44 -6.03 4.68 -15.33
N LEU A 45 -6.25 4.83 -16.64
CA LEU A 45 -7.60 5.06 -17.17
C LEU A 45 -8.56 3.92 -16.88
N GLN A 46 -8.04 2.69 -16.98
CA GLN A 46 -8.80 1.48 -16.72
C GLN A 46 -9.22 1.34 -15.24
N TYR A 47 -8.26 1.52 -14.33
CA TYR A 47 -8.55 1.50 -12.89
C TYR A 47 -9.57 2.57 -12.52
N GLN A 48 -9.46 3.73 -13.17
CA GLN A 48 -10.35 4.85 -12.91
C GLN A 48 -11.77 4.53 -13.38
N LYS A 49 -11.88 3.99 -14.59
CA LYS A 49 -13.15 3.49 -15.10
C LYS A 49 -13.79 2.49 -14.14
N HIS A 50 -12.98 1.53 -13.68
CA HIS A 50 -13.45 0.51 -12.73
C HIS A 50 -13.97 1.14 -11.43
N HIS A 51 -13.26 2.14 -10.94
CA HIS A 51 -13.73 2.91 -9.80
C HIS A 51 -15.11 3.54 -10.05
N PHE A 52 -15.33 4.04 -11.27
CA PHE A 52 -16.61 4.67 -11.63
C PHE A 52 -17.78 3.68 -11.69
N VAL A 53 -17.55 2.49 -12.24
CA VAL A 53 -18.65 1.60 -12.68
C VAL A 53 -18.93 0.39 -11.79
N VAL A 54 -18.03 0.10 -10.86
CA VAL A 54 -18.18 -1.08 -10.00
C VAL A 54 -19.48 -1.03 -9.18
N GLU A 55 -20.11 -2.18 -9.02
CA GLU A 55 -21.31 -2.28 -8.20
C GLU A 55 -21.46 -3.70 -7.63
N GLY A 56 -22.48 -3.89 -6.80
CA GLY A 56 -22.75 -5.19 -6.22
C GLY A 56 -22.38 -5.31 -4.75
N ALA A 57 -22.37 -6.56 -4.27
CA ALA A 57 -22.10 -6.88 -2.87
C ALA A 57 -20.78 -6.31 -2.34
N GLU A 58 -19.76 -6.26 -3.20
CA GLU A 58 -18.43 -5.79 -2.80
C GLU A 58 -18.12 -4.41 -3.38
N PHE A 59 -19.17 -3.65 -3.68
CA PHE A 59 -19.06 -2.32 -4.27
C PHE A 59 -18.05 -1.41 -3.56
N TYR A 60 -18.28 -1.15 -2.28
CA TYR A 60 -17.50 -0.19 -1.49
CA TYR A 60 -17.50 -0.17 -1.53
C TYR A 60 -15.99 -0.50 -1.43
N PRO A 61 -15.64 -1.74 -0.99
CA PRO A 61 -14.19 -1.99 -0.92
C PRO A 61 -13.52 -1.97 -2.29
N LEU A 62 -14.21 -2.44 -3.33
CA LEU A 62 -13.66 -2.45 -4.69
C LEU A 62 -13.51 -1.03 -5.23
N HIS A 63 -14.55 -0.24 -5.02
CA HIS A 63 -14.54 1.21 -5.24
C HIS A 63 -13.27 1.85 -4.66
N GLN A 64 -12.98 1.54 -3.40
CA GLN A 64 -11.77 2.02 -2.72
C GLN A 64 -10.47 1.45 -3.30
N PHE A 65 -10.42 0.13 -3.48
CA PHE A 65 -9.25 -0.54 -4.07
C PHE A 65 -8.84 0.02 -5.42
N PHE A 66 -9.82 0.26 -6.29
CA PHE A 66 -9.56 0.77 -7.64
C PHE A 66 -8.94 2.16 -7.61
N GLN A 67 -9.43 2.99 -6.70
CA GLN A 67 -8.88 4.32 -6.49
C GLN A 67 -7.45 4.31 -5.93
N ASP A 68 -7.19 3.47 -4.92
CA ASP A 68 -5.84 3.29 -4.41
C ASP A 68 -4.90 2.92 -5.55
N CYS A 69 -5.40 2.05 -6.43
CA CYS A 69 -4.64 1.54 -7.57
C CYS A 69 -4.31 2.60 -8.59
N TYR A 70 -5.31 3.34 -9.06
CA TYR A 70 -5.03 4.36 -10.08
C TYR A 70 -4.16 5.51 -9.58
N GLU A 71 -4.34 5.88 -8.32
CA GLU A 71 -3.50 6.91 -7.69
C GLU A 71 -2.04 6.48 -7.58
N GLN A 72 -1.81 5.21 -7.27
CA GLN A 72 -0.45 4.70 -7.22
C GLN A 72 0.12 4.65 -8.65
N VAL A 73 -0.70 4.22 -9.61
CA VAL A 73 -0.29 4.17 -11.02
C VAL A 73 0.02 5.57 -11.59
N GLN A 74 -0.82 6.54 -11.26
CA GLN A 74 -0.57 7.93 -11.65
C GLN A 74 0.79 8.41 -11.16
N ASP A 75 1.21 7.93 -10.00
CA ASP A 75 2.55 8.22 -9.48
C ASP A 75 3.67 7.62 -10.36
N HIS A 76 3.48 6.38 -10.84
CA HIS A 76 4.39 5.77 -11.80
C HIS A 76 4.47 6.56 -13.11
N VAL A 77 3.31 7.01 -13.60
CA VAL A 77 3.19 7.86 -14.80
C VAL A 77 4.05 9.11 -14.69
N HIS A 78 3.88 9.81 -13.57
CA HIS A 78 4.62 11.03 -13.29
C HIS A 78 6.13 10.80 -13.32
N ALA A 79 6.60 9.80 -12.58
CA ALA A 79 8.04 9.51 -12.49
C ALA A 79 8.65 9.16 -13.85
N LEU A 80 7.95 8.37 -14.65
CA LEU A 80 8.48 7.92 -15.94
C LEU A 80 8.46 9.01 -17.00
N GLY A 81 7.37 9.77 -17.06
CA GLY A 81 7.23 10.84 -18.02
C GLY A 81 8.31 11.88 -17.79
N GLU A 82 8.52 12.21 -16.53
CA GLU A 82 9.53 13.21 -16.17
C GLU A 82 10.97 12.70 -16.40
N ARG A 83 11.25 11.44 -16.04
CA ARG A 83 12.59 10.91 -16.29
C ARG A 83 12.89 10.75 -17.77
N LEU A 84 11.87 10.37 -18.54
CA LEU A 84 12.04 10.16 -19.97
C LEU A 84 12.48 11.46 -20.65
N ASN A 85 11.81 12.55 -20.33
CA ASN A 85 12.23 13.87 -20.80
C ASN A 85 13.64 14.20 -20.33
N GLY A 86 13.90 13.95 -19.05
CA GLY A 86 15.21 14.17 -18.45
C GLY A 86 16.31 13.45 -19.20
N LEU A 87 15.99 12.24 -19.67
CA LEU A 87 16.94 11.42 -20.43
C LEU A 87 17.14 11.88 -21.87
N GLY A 88 16.35 12.85 -22.31
CA GLY A 88 16.52 13.44 -23.64
C GLY A 88 15.51 12.93 -24.66
N GLY A 89 14.48 12.24 -24.21
CA GLY A 89 13.43 11.77 -25.11
C GLY A 89 12.19 12.64 -25.11
N VAL A 90 11.15 12.16 -25.79
CA VAL A 90 9.85 12.81 -25.82
C VAL A 90 8.77 11.81 -25.36
N PRO A 91 8.05 12.13 -24.28
CA PRO A 91 7.03 11.23 -23.78
C PRO A 91 5.77 11.22 -24.64
N VAL A 92 5.19 10.04 -24.80
CA VAL A 92 3.93 9.88 -25.52
C VAL A 92 2.82 10.59 -24.75
N ALA A 93 1.85 11.16 -25.45
CA ALA A 93 0.75 11.84 -24.78
C ALA A 93 -0.61 11.66 -25.46
N GLY A 94 -0.58 11.39 -26.76
CA GLY A 94 -1.80 11.29 -27.57
C GLY A 94 -2.41 9.90 -27.60
N PHE A 95 -3.73 9.88 -27.72
CA PHE A 95 -4.54 8.65 -27.69
C PHE A 95 -4.06 7.58 -28.66
N GLN A 96 -3.72 7.97 -29.88
CA GLN A 96 -3.30 7.01 -30.89
C GLN A 96 -1.96 6.35 -30.54
N GLN A 97 -1.01 7.18 -30.14
CA GLN A 97 0.33 6.70 -29.78
C GLN A 97 0.27 5.87 -28.50
N LEU A 98 -0.54 6.32 -27.54
CA LEU A 98 -0.78 5.56 -26.31
C LEU A 98 -1.29 4.16 -26.63
N ALA A 99 -2.31 4.09 -27.47
CA ALA A 99 -2.91 2.82 -27.89
C ALA A 99 -1.87 1.92 -28.58
N ALA A 100 -0.96 2.54 -29.32
CA ALA A 100 0.08 1.82 -30.05
C ALA A 100 1.17 1.21 -29.15
N LEU A 101 1.51 1.90 -28.07
CA LEU A 101 2.63 1.47 -27.23
C LEU A 101 2.23 0.56 -26.09
N CYS A 102 0.95 0.58 -25.74
CA CYS A 102 0.42 -0.16 -24.60
C CYS A 102 0.73 -1.65 -24.72
N CYS A 103 1.21 -2.25 -23.63
CA CYS A 103 1.70 -3.63 -23.66
C CYS A 103 0.65 -4.67 -23.31
N PHE A 104 -0.52 -4.21 -22.85
CA PHE A 104 -1.63 -5.11 -22.59
C PHE A 104 -2.83 -4.70 -23.44
N THR A 105 -3.81 -5.59 -23.56
CA THR A 105 -5.03 -5.29 -24.28
C THR A 105 -6.01 -4.61 -23.33
N PRO A 106 -6.36 -3.34 -23.63
CA PRO A 106 -7.26 -2.60 -22.74
C PRO A 106 -8.68 -3.14 -22.80
N GLU A 107 -9.41 -2.95 -21.72
CA GLU A 107 -10.81 -3.36 -21.63
C GLU A 107 -11.63 -2.57 -22.65
N PRO A 108 -12.54 -3.24 -23.38
CA PRO A 108 -13.39 -2.50 -24.32
C PRO A 108 -14.35 -1.58 -23.57
N GLU A 109 -15.02 -0.69 -24.31
CA GLU A 109 -16.04 0.18 -23.73
C GLU A 109 -17.21 -0.67 -23.21
N GLY A 110 -17.87 -0.17 -22.17
CA GLY A 110 -18.95 -0.91 -21.52
C GLY A 110 -18.59 -1.17 -20.07
N ALA A 111 -19.60 -1.45 -19.25
CA ALA A 111 -19.40 -1.74 -17.84
C ALA A 111 -19.48 -3.23 -17.61
N PHE A 112 -18.34 -3.83 -17.27
CA PHE A 112 -18.24 -5.28 -17.06
C PHE A 112 -18.43 -5.64 -15.58
N ASN A 113 -18.63 -6.92 -15.30
CA ASN A 113 -18.79 -7.37 -13.93
C ASN A 113 -17.46 -7.27 -13.16
N CYS A 114 -17.54 -7.24 -11.84
CA CYS A 114 -16.36 -6.91 -11.04
C CYS A 114 -15.26 -7.97 -11.10
N ARG A 115 -15.64 -9.23 -11.34
CA ARG A 115 -14.66 -10.30 -11.52
CA ARG A 115 -14.66 -10.30 -11.52
C ARG A 115 -13.87 -10.10 -12.82
N GLN A 116 -14.58 -9.76 -13.90
CA GLN A 116 -13.95 -9.48 -15.19
CA GLN A 116 -13.96 -9.47 -15.20
C GLN A 116 -13.02 -8.27 -15.08
N MET A 117 -13.50 -7.22 -14.42
CA MET A 117 -12.72 -6.00 -14.22
C MET A 117 -11.39 -6.31 -13.52
N LEU A 118 -11.48 -7.05 -12.42
CA LEU A 118 -10.30 -7.46 -11.67
C LEU A 118 -9.34 -8.30 -12.50
N SER A 119 -9.88 -9.23 -13.29
CA SER A 119 -9.07 -10.09 -14.14
C SER A 119 -8.33 -9.28 -15.21
N ASN A 120 -9.01 -8.32 -15.81
CA ASN A 120 -8.37 -7.44 -16.79
C ASN A 120 -7.23 -6.65 -16.17
N ASP A 121 -7.47 -6.15 -14.95
CA ASP A 121 -6.45 -5.42 -14.20
C ASP A 121 -5.23 -6.28 -13.86
N LEU A 122 -5.46 -7.52 -13.44
CA LEU A 122 -4.35 -8.44 -13.17
C LEU A 122 -3.50 -8.66 -14.42
N GLN A 123 -4.14 -9.03 -15.53
CA GLN A 123 -3.47 -9.24 -16.81
C GLN A 123 -2.64 -8.02 -17.22
N ALA A 124 -3.22 -6.84 -17.08
CA ALA A 124 -2.50 -5.59 -17.33
C ALA A 124 -1.25 -5.46 -16.46
N GLU A 125 -1.36 -5.77 -15.16
CA GLU A 125 -0.23 -5.68 -14.24
C GLU A 125 0.84 -6.70 -14.59
N GLN A 126 0.40 -7.89 -14.99
CA GLN A 126 1.31 -8.99 -15.39
C GLN A 126 2.14 -8.63 -16.63
N ALA A 127 1.48 -8.10 -17.64
CA ALA A 127 2.14 -7.63 -18.85
C ALA A 127 3.17 -6.55 -18.50
N ILE A 128 2.79 -5.63 -17.61
CA ILE A 128 3.67 -4.54 -17.20
C ILE A 128 4.87 -5.06 -16.39
N ILE A 129 4.60 -6.02 -15.50
CA ILE A 129 5.64 -6.69 -14.73
C ILE A 129 6.73 -7.25 -15.64
N GLY A 130 6.32 -7.89 -16.74
CA GLY A 130 7.26 -8.45 -17.68
C GLY A 130 8.16 -7.40 -18.30
N VAL A 131 7.56 -6.29 -18.72
CA VAL A 131 8.31 -5.20 -19.35
C VAL A 131 9.28 -4.55 -18.35
N LEU A 132 8.81 -4.30 -17.14
CA LEU A 132 9.65 -3.70 -16.08
C LEU A 132 10.93 -4.49 -15.83
N ARG A 133 10.80 -5.81 -15.74
CA ARG A 133 11.94 -6.71 -15.53
C ARG A 133 12.91 -6.61 -16.70
N GLN A 134 12.36 -6.71 -17.91
CA GLN A 134 13.14 -6.54 -19.11
C GLN A 134 13.89 -5.20 -19.13
N GLN A 135 13.15 -4.13 -18.91
CA GLN A 135 13.71 -2.78 -18.99
C GLN A 135 14.69 -2.46 -17.86
N ALA A 136 14.42 -2.97 -16.66
CA ALA A 136 15.33 -2.85 -15.52
C ALA A 136 16.65 -3.56 -15.79
N THR A 137 16.57 -4.81 -16.27
CA THR A 137 17.76 -5.60 -16.61
C THR A 137 18.60 -4.86 -17.64
N GLN A 138 17.92 -4.30 -18.64
CA GLN A 138 18.57 -3.54 -19.70
C GLN A 138 19.28 -2.30 -19.17
N ALA A 139 18.61 -1.54 -18.31
CA ALA A 139 19.19 -0.32 -17.74
C ALA A 139 20.46 -0.61 -16.94
N GLU A 140 20.40 -1.62 -16.08
CA GLU A 140 21.57 -2.08 -15.33
C GLU A 140 22.69 -2.39 -16.30
N SER A 141 22.40 -3.26 -17.26
CA SER A 141 23.36 -3.72 -18.24
C SER A 141 24.03 -2.56 -18.99
N LEU A 142 23.25 -1.50 -19.25
CA LEU A 142 23.77 -0.36 -19.99
C LEU A 142 24.43 0.68 -19.08
N GLY A 143 24.31 0.49 -17.78
CA GLY A 143 24.92 1.40 -16.82
C GLY A 143 24.08 2.60 -16.43
N ASP A 144 22.78 2.54 -16.69
CA ASP A 144 21.85 3.53 -16.16
C ASP A 144 21.33 3.02 -14.82
N ARG A 145 22.17 3.15 -13.80
CA ARG A 145 21.86 2.68 -12.45
C ARG A 145 20.57 3.26 -11.90
N ALA A 146 20.36 4.56 -12.10
CA ALA A 146 19.21 5.24 -11.51
C ALA A 146 17.88 4.79 -12.12
N THR A 147 17.85 4.58 -13.43
CA THR A 147 16.68 4.03 -14.11
C THR A 147 16.35 2.63 -13.62
N ALA A 148 17.37 1.78 -13.51
CA ALA A 148 17.19 0.43 -12.98
C ALA A 148 16.62 0.47 -11.55
N TYR A 149 17.17 1.36 -10.72
CA TYR A 149 16.67 1.59 -9.37
C TYR A 149 15.19 2.02 -9.37
N LEU A 150 14.88 3.03 -10.19
CA LEU A 150 13.51 3.50 -10.35
C LEU A 150 12.54 2.38 -10.80
N TYR A 151 12.95 1.62 -11.81
CA TYR A 151 12.15 0.48 -12.25
C TYR A 151 11.91 -0.56 -11.16
N ASP A 152 12.95 -0.87 -10.38
CA ASP A 152 12.79 -1.85 -9.30
C ASP A 152 11.77 -1.38 -8.27
N GLN A 153 11.87 -0.10 -7.90
CA GLN A 153 10.96 0.55 -6.98
C GLN A 153 9.50 0.46 -7.49
N ILE A 154 9.31 0.75 -8.76
CA ILE A 154 8.01 0.65 -9.40
C ILE A 154 7.53 -0.80 -9.50
N LEU A 155 8.44 -1.70 -9.85
CA LEU A 155 8.16 -3.13 -9.94
C LEU A 155 7.65 -3.72 -8.60
N LEU A 156 8.26 -3.32 -7.49
CA LEU A 156 7.83 -3.79 -6.16
C LEU A 156 6.38 -3.42 -5.88
N LYS A 157 6.01 -2.17 -6.20
CA LYS A 157 4.64 -1.69 -6.02
CA LYS A 157 4.65 -1.70 -6.02
C LYS A 157 3.67 -2.39 -6.98
N THR A 158 4.13 -2.60 -8.21
CA THR A 158 3.31 -3.21 -9.27
C THR A 158 3.00 -4.68 -8.96
N GLU A 159 4.02 -5.44 -8.57
CA GLU A 159 3.83 -6.82 -8.13
C GLU A 159 2.86 -6.90 -6.97
N GLU A 160 2.95 -5.93 -6.07
CA GLU A 160 2.08 -5.88 -4.90
C GLU A 160 0.61 -5.66 -5.29
N ARG A 161 0.36 -4.77 -6.25
CA ARG A 161 -1.00 -4.57 -6.75
C ARG A 161 -1.49 -5.87 -7.38
N ALA A 162 -0.63 -6.50 -8.17
CA ALA A 162 -0.96 -7.75 -8.85
C ALA A 162 -1.41 -8.85 -7.90
N TYR A 163 -0.62 -9.13 -6.85
CA TYR A 163 -1.03 -10.19 -5.93
C TYR A 163 -2.22 -9.83 -5.03
N HIS A 164 -2.44 -8.53 -4.82
CA HIS A 164 -3.65 -8.07 -4.16
C HIS A 164 -4.91 -8.34 -5.00
N ILE A 165 -4.80 -8.13 -6.31
CA ILE A 165 -5.89 -8.46 -7.23
C ILE A 165 -6.14 -9.97 -7.17
N GLY A 166 -5.05 -10.74 -7.21
CA GLY A 166 -5.12 -12.20 -7.12
C GLY A 166 -5.92 -12.68 -5.93
N HIS A 167 -5.67 -12.07 -4.77
CA HIS A 167 -6.38 -12.42 -3.55
C HIS A 167 -7.87 -12.16 -3.63
N PHE A 168 -8.23 -10.99 -4.16
CA PHE A 168 -9.63 -10.65 -4.44
C PHE A 168 -10.33 -11.72 -5.29
N LEU A 169 -9.60 -12.27 -6.26
CA LEU A 169 -10.13 -13.23 -7.21
C LEU A 169 -10.20 -14.67 -6.69
N ALA A 170 -9.56 -14.93 -5.54
CA ALA A 170 -9.47 -16.28 -4.99
C ALA A 170 -10.82 -16.86 -4.55
N ASN A 171 -10.90 -18.18 -4.57
CA ASN A 171 -12.13 -18.89 -4.23
C ASN A 171 -12.29 -19.09 -2.72
N ASP A 172 -12.56 -18.00 -2.02
CA ASP A 172 -12.91 -18.02 -0.61
C ASP A 172 -13.91 -16.89 -0.36
N SER A 173 -14.71 -17.04 0.68
CA SER A 173 -15.78 -16.10 0.96
C SER A 173 -16.39 -16.37 2.32
N LEU A 174 -16.92 -15.33 2.95
CA LEU A 174 -17.62 -15.47 4.22
C LEU A 174 -18.99 -16.13 4.06
N LYS A 175 -19.56 -16.07 2.87
CA LYS A 175 -20.88 -16.64 2.62
C LYS A 175 -20.82 -18.17 2.66
N VAL A 176 -21.32 -18.75 3.75
CA VAL A 176 -21.32 -20.22 3.91
C VAL A 176 -22.64 -20.86 3.48
N SER B 4 -13.86 -14.27 -22.05
CA SER B 4 -14.10 -12.79 -21.96
C SER B 4 -15.60 -12.48 -22.17
N ALA B 5 -16.36 -12.41 -21.08
CA ALA B 5 -17.82 -12.23 -21.14
C ALA B 5 -18.30 -10.84 -21.62
N LEU B 6 -19.59 -10.74 -21.92
CA LEU B 6 -20.20 -9.48 -22.34
C LEU B 6 -20.31 -8.49 -21.18
N PRO B 7 -20.32 -7.17 -21.49
CA PRO B 7 -20.53 -6.18 -20.43
C PRO B 7 -21.94 -6.27 -19.84
N ARG B 8 -22.07 -5.91 -18.56
CA ARG B 8 -23.37 -5.85 -17.91
C ARG B 8 -24.20 -4.72 -18.48
N GLN B 9 -23.54 -3.64 -18.86
CA GLN B 9 -24.17 -2.52 -19.52
C GLN B 9 -23.28 -2.10 -20.67
N ALA B 10 -23.82 -2.18 -21.90
CA ALA B 10 -23.06 -1.84 -23.09
C ALA B 10 -22.89 -0.34 -23.18
N PHE B 11 -21.80 0.07 -23.80
CA PHE B 11 -21.53 1.49 -24.03
C PHE B 11 -22.61 2.05 -24.93
N GLY B 12 -23.07 3.26 -24.60
CA GLY B 12 -24.15 3.90 -25.36
C GLY B 12 -25.54 3.43 -25.02
N GLU B 13 -25.64 2.50 -24.06
CA GLU B 13 -26.93 1.99 -23.55
CA GLU B 13 -26.95 2.03 -23.58
C GLU B 13 -27.24 2.65 -22.21
N MET B 14 -28.48 3.09 -22.01
CA MET B 14 -28.88 3.72 -20.75
C MET B 14 -29.58 2.77 -19.79
N ALA B 15 -29.16 2.79 -18.54
CA ALA B 15 -29.85 2.07 -17.47
C ALA B 15 -30.70 3.05 -16.68
N ASP B 16 -31.65 2.54 -15.90
CA ASP B 16 -32.47 3.39 -15.04
C ASP B 16 -31.61 3.99 -13.94
N THR B 17 -31.98 5.18 -13.48
CA THR B 17 -31.29 5.78 -12.37
C THR B 17 -32.16 5.71 -11.12
N VAL B 18 -31.48 5.55 -10.00
CA VAL B 18 -32.11 5.48 -8.70
C VAL B 18 -32.58 6.87 -8.21
N ILE B 19 -32.16 7.93 -8.89
CA ILE B 19 -32.45 9.31 -8.43
C ILE B 19 -33.70 9.96 -9.04
N LEU B 20 -34.58 9.13 -9.61
CA LEU B 20 -35.89 9.57 -10.11
C LEU B 20 -35.79 10.61 -11.21
N LEU B 21 -34.91 10.37 -12.18
CA LEU B 21 -34.90 11.15 -13.41
C LEU B 21 -35.16 10.18 -14.55
N GLU B 22 -36.06 10.59 -15.46
CA GLU B 22 -36.46 9.76 -16.59
C GLU B 22 -35.35 9.67 -17.62
N LYS B 23 -35.40 8.61 -18.44
CA LYS B 23 -34.41 8.42 -19.50
C LYS B 23 -34.40 9.56 -20.51
N ALA B 24 -35.58 10.15 -20.74
CA ALA B 24 -35.71 11.35 -21.57
C ALA B 24 -34.83 12.50 -21.10
N THR B 25 -34.57 12.55 -19.79
CA THR B 25 -33.69 13.54 -19.18
C THR B 25 -32.24 13.07 -19.12
N THR B 26 -32.04 11.85 -18.62
CA THR B 26 -30.70 11.35 -18.33
C THR B 26 -29.87 11.04 -19.59
N THR B 27 -30.54 10.62 -20.66
CA THR B 27 -29.87 10.27 -21.93
C THR B 27 -29.10 11.43 -22.57
N PRO B 28 -29.76 12.58 -22.85
CA PRO B 28 -29.02 13.71 -23.42
C PRO B 28 -27.94 14.25 -22.47
N ILE B 29 -28.23 14.24 -21.17
CA ILE B 29 -27.29 14.70 -20.16
C ILE B 29 -26.03 13.84 -20.13
N CYS B 30 -26.21 12.51 -20.18
CA CYS B 30 -25.08 11.59 -20.17
C CYS B 30 -24.24 11.64 -21.45
N GLU B 31 -24.93 11.87 -22.56
CA GLU B 31 -24.27 12.04 -23.86
C GLU B 31 -23.31 13.22 -23.79
N GLY B 32 -23.80 14.36 -23.31
CA GLY B 32 -22.99 15.56 -23.16
C GLY B 32 -21.91 15.40 -22.11
N MET B 33 -22.26 14.73 -21.00
CA MET B 33 -21.29 14.49 -19.93
C MET B 33 -20.13 13.64 -20.40
N ASN B 34 -20.40 12.67 -21.28
CA ASN B 34 -19.32 11.87 -21.87
C ASN B 34 -18.35 12.65 -22.76
N ARG B 35 -18.86 13.66 -23.47
CA ARG B 35 -18.02 14.52 -24.31
CA ARG B 35 -18.02 14.50 -24.31
C ARG B 35 -17.10 15.35 -23.43
N LEU B 36 -17.63 15.80 -22.29
CA LEU B 36 -16.85 16.57 -21.34
C LEU B 36 -15.84 15.67 -20.65
N LEU B 37 -16.27 14.47 -20.29
CA LEU B 37 -15.36 13.50 -19.68
C LEU B 37 -14.14 13.26 -20.58
N ALA B 38 -14.40 12.90 -21.85
CA ALA B 38 -13.34 12.69 -22.84
C ALA B 38 -12.43 13.93 -23.03
N SER B 39 -13.05 15.11 -23.12
CA SER B 39 -12.32 16.35 -23.29
C SER B 39 -11.38 16.62 -22.11
N PHE B 40 -11.91 16.50 -20.90
CA PHE B 40 -11.12 16.71 -19.68
C PHE B 40 -10.01 15.66 -19.57
N GLN B 41 -10.31 14.46 -20.04
CA GLN B 41 -9.34 13.37 -20.03
C GLN B 41 -8.17 13.69 -20.97
N ALA B 42 -8.47 14.20 -22.16
CA ALA B 42 -7.44 14.64 -23.11
C ALA B 42 -6.66 15.84 -22.57
N LEU B 43 -7.36 16.78 -21.93
CA LEU B 43 -6.71 17.94 -21.34
C LEU B 43 -5.79 17.61 -20.15
N TYR B 44 -6.21 16.68 -19.29
CA TYR B 44 -5.34 16.16 -18.25
C TYR B 44 -4.03 15.65 -18.85
N LEU B 45 -4.13 14.86 -19.92
CA LEU B 45 -2.95 14.29 -20.58
C LEU B 45 -2.04 15.38 -21.14
N GLN B 46 -2.67 16.36 -21.78
CA GLN B 46 -1.95 17.46 -22.40
C GLN B 46 -1.19 18.28 -21.36
N TYR B 47 -1.88 18.69 -20.30
CA TYR B 47 -1.28 19.45 -19.21
C TYR B 47 -0.14 18.69 -18.54
N GLN B 48 -0.33 17.37 -18.39
CA GLN B 48 0.70 16.49 -17.82
C GLN B 48 1.92 16.44 -18.74
N LYS B 49 1.67 16.26 -20.04
CA LYS B 49 2.71 16.32 -21.05
C LYS B 49 3.52 17.62 -20.95
N HIS B 50 2.80 18.73 -20.80
CA HIS B 50 3.41 20.05 -20.74
C HIS B 50 4.27 20.20 -19.49
N HIS B 51 3.77 19.66 -18.37
CA HIS B 51 4.55 19.56 -17.15
C HIS B 51 5.87 18.82 -17.41
N PHE B 52 5.81 17.69 -18.13
CA PHE B 52 7.03 16.91 -18.42
C PHE B 52 8.03 17.62 -19.31
N VAL B 53 7.54 18.37 -20.30
CA VAL B 53 8.42 18.81 -21.39
C VAL B 53 8.87 20.27 -21.32
N VAL B 54 8.09 21.11 -20.63
CA VAL B 54 8.41 22.54 -20.55
C VAL B 54 9.85 22.81 -20.08
N GLU B 55 10.50 23.76 -20.75
CA GLU B 55 11.87 24.19 -20.42
C GLU B 55 12.03 25.66 -20.77
N GLY B 56 13.20 26.21 -20.50
CA GLY B 56 13.45 27.61 -20.81
C GLY B 56 13.35 28.53 -19.61
N ALA B 57 13.35 29.84 -19.87
CA ALA B 57 13.46 30.85 -18.82
C ALA B 57 12.36 30.82 -17.73
N GLU B 58 11.17 30.35 -18.09
CA GLU B 58 10.07 30.25 -17.13
C GLU B 58 9.76 28.80 -16.78
N PHE B 59 10.79 27.95 -16.86
CA PHE B 59 10.66 26.52 -16.58
C PHE B 59 9.92 26.21 -15.28
N TYR B 60 10.39 26.80 -14.18
CA TYR B 60 9.88 26.41 -12.87
C TYR B 60 8.41 26.78 -12.65
N PRO B 61 8.04 28.04 -12.90
CA PRO B 61 6.63 28.39 -12.67
C PRO B 61 5.66 27.65 -13.62
N LEU B 62 6.08 27.44 -14.86
CA LEU B 62 5.26 26.71 -15.82
C LEU B 62 5.15 25.24 -15.44
N HIS B 63 6.29 24.66 -15.07
CA HIS B 63 6.35 23.31 -14.51
C HIS B 63 5.30 23.11 -13.42
N GLN B 64 5.22 24.05 -12.47
CA GLN B 64 4.29 23.98 -11.36
CA GLN B 64 4.29 23.97 -11.36
C GLN B 64 2.84 24.23 -11.80
N PHE B 65 2.67 25.26 -12.63
CA PHE B 65 1.35 25.64 -13.14
C PHE B 65 0.66 24.48 -13.89
N PHE B 66 1.42 23.78 -14.72
CA PHE B 66 0.88 22.67 -15.50
C PHE B 66 0.44 21.49 -14.62
N GLN B 67 1.17 21.27 -13.53
CA GLN B 67 0.79 20.27 -12.53
C GLN B 67 -0.47 20.67 -11.77
N ASP B 68 -0.54 21.93 -11.34
CA ASP B 68 -1.73 22.47 -10.70
C ASP B 68 -2.93 22.24 -11.61
N CYS B 69 -2.74 22.52 -12.89
CA CYS B 69 -3.81 22.41 -13.88
C CYS B 69 -4.31 20.97 -14.04
N TYR B 70 -3.39 20.03 -14.30
CA TYR B 70 -3.84 18.65 -14.54
C TYR B 70 -4.44 17.97 -13.32
N GLU B 71 -3.97 18.34 -12.14
CA GLU B 71 -4.53 17.83 -10.89
C GLU B 71 -5.93 18.34 -10.66
N GLN B 72 -6.18 19.59 -11.02
CA GLN B 72 -7.52 20.15 -10.89
C GLN B 72 -8.45 19.53 -11.94
N VAL B 73 -7.91 19.31 -13.14
CA VAL B 73 -8.67 18.67 -14.22
C VAL B 73 -9.06 17.23 -13.87
N GLN B 74 -8.15 16.49 -13.22
CA GLN B 74 -8.48 15.12 -12.84
CA GLN B 74 -8.41 15.11 -12.75
C GLN B 74 -9.60 15.06 -11.79
N ASP B 75 -9.75 16.11 -10.98
CA ASP B 75 -10.88 16.22 -10.06
CA ASP B 75 -10.89 16.22 -10.07
C ASP B 75 -12.20 16.34 -10.82
N HIS B 76 -12.21 17.17 -11.88
CA HIS B 76 -13.37 17.28 -12.75
C HIS B 76 -13.70 15.92 -13.37
N VAL B 77 -12.68 15.23 -13.87
CA VAL B 77 -12.81 13.87 -14.44
C VAL B 77 -13.49 12.93 -13.44
N HIS B 78 -12.96 12.88 -12.22
CA HIS B 78 -13.51 12.06 -11.15
C HIS B 78 -15.00 12.37 -10.94
N ALA B 79 -15.32 13.64 -10.73
CA ALA B 79 -16.69 14.07 -10.50
C ALA B 79 -17.61 13.63 -11.63
N LEU B 80 -17.18 13.88 -12.88
CA LEU B 80 -18.01 13.60 -14.06
C LEU B 80 -18.21 12.12 -14.34
N GLY B 81 -17.15 11.33 -14.22
CA GLY B 81 -17.22 9.89 -14.46
C GLY B 81 -18.18 9.23 -13.49
N GLU B 82 -18.12 9.64 -12.23
CA GLU B 82 -18.95 9.05 -11.19
C GLU B 82 -20.40 9.52 -11.27
N ARG B 83 -20.61 10.80 -11.60
CA ARG B 83 -21.95 11.33 -11.80
C ARG B 83 -22.65 10.65 -12.99
N LEU B 84 -21.93 10.54 -14.11
CA LEU B 84 -22.45 9.89 -15.32
C LEU B 84 -22.95 8.48 -15.01
N ASN B 85 -22.12 7.69 -14.32
CA ASN B 85 -22.51 6.35 -13.91
C ASN B 85 -23.74 6.36 -13.01
N GLY B 86 -23.78 7.30 -12.06
CA GLY B 86 -24.88 7.43 -11.12
C GLY B 86 -26.18 7.79 -11.82
N LEU B 87 -26.06 8.47 -12.95
CA LEU B 87 -27.22 8.85 -13.77
C LEU B 87 -27.74 7.70 -14.65
N GLY B 88 -27.00 6.60 -14.70
CA GLY B 88 -27.42 5.41 -15.43
C GLY B 88 -26.75 5.22 -16.77
N GLY B 89 -25.69 5.98 -17.04
CA GLY B 89 -24.93 5.85 -18.28
C GLY B 89 -23.63 5.07 -18.13
N VAL B 90 -22.80 5.10 -19.16
CA VAL B 90 -21.52 4.39 -19.16
C VAL B 90 -20.40 5.35 -19.57
N PRO B 91 -19.45 5.61 -18.65
CA PRO B 91 -18.36 6.55 -18.96
C PRO B 91 -17.35 5.97 -19.96
N VAL B 92 -16.89 6.80 -20.87
CA VAL B 92 -15.89 6.46 -21.88
C VAL B 92 -14.52 6.26 -21.22
N ALA B 93 -13.76 5.26 -21.67
CA ALA B 93 -12.43 5.00 -21.12
C ALA B 93 -11.41 4.45 -22.12
N GLY B 94 -11.89 4.04 -23.30
CA GLY B 94 -11.01 3.54 -24.37
C GLY B 94 -10.48 4.65 -25.26
N PHE B 95 -9.32 4.40 -25.87
CA PHE B 95 -8.61 5.45 -26.61
C PHE B 95 -9.33 5.94 -27.87
N GLN B 96 -9.99 5.04 -28.58
CA GLN B 96 -10.73 5.41 -29.79
C GLN B 96 -11.84 6.39 -29.50
N GLN B 97 -12.69 6.03 -28.53
CA GLN B 97 -13.85 6.84 -28.20
C GLN B 97 -13.48 8.12 -27.44
N LEU B 98 -12.39 8.07 -26.66
CA LEU B 98 -11.85 9.27 -26.01
C LEU B 98 -11.42 10.28 -27.06
N ALA B 99 -10.76 9.79 -28.11
CA ALA B 99 -10.34 10.63 -29.23
C ALA B 99 -11.55 11.16 -30.01
N ALA B 100 -12.55 10.30 -30.21
CA ALA B 100 -13.73 10.65 -30.98
C ALA B 100 -14.66 11.65 -30.28
N LEU B 101 -14.74 11.60 -28.94
CA LEU B 101 -15.68 12.45 -28.20
C LEU B 101 -15.07 13.77 -27.71
N CYS B 102 -13.75 13.87 -27.77
CA CYS B 102 -13.01 15.06 -27.34
C CYS B 102 -13.44 16.30 -28.13
N CYS B 103 -13.77 17.39 -27.43
CA CYS B 103 -14.34 18.58 -28.06
C CYS B 103 -13.31 19.60 -28.56
N PHE B 104 -12.03 19.27 -28.43
CA PHE B 104 -10.97 20.10 -29.00
C PHE B 104 -9.95 19.21 -29.72
N THR B 105 -9.04 19.83 -30.45
CA THR B 105 -7.98 19.09 -31.13
C THR B 105 -6.74 19.06 -30.24
N PRO B 106 -6.33 17.86 -29.79
CA PRO B 106 -5.17 17.79 -28.92
C PRO B 106 -3.89 18.20 -29.65
N GLU B 107 -2.91 18.64 -28.89
CA GLU B 107 -1.60 18.98 -29.43
C GLU B 107 -0.99 17.72 -30.05
N PRO B 108 -0.36 17.86 -31.23
CA PRO B 108 0.31 16.70 -31.84
C PRO B 108 1.45 16.21 -30.95
N GLU B 109 1.94 15.00 -31.21
CA GLU B 109 3.09 14.45 -30.49
C GLU B 109 4.34 15.29 -30.77
N GLY B 110 5.23 15.36 -29.78
CA GLY B 110 6.43 16.17 -29.87
C GLY B 110 6.42 17.26 -28.82
N ALA B 111 7.59 17.80 -28.51
CA ALA B 111 7.74 18.86 -27.55
C ALA B 111 7.72 20.21 -28.26
N PHE B 112 6.68 20.98 -28.00
CA PHE B 112 6.57 22.32 -28.57
C PHE B 112 7.09 23.37 -27.59
N ASN B 113 7.16 24.63 -28.03
CA ASN B 113 7.61 25.69 -27.14
C ASN B 113 6.52 26.11 -26.15
N CYS B 114 6.91 26.78 -25.08
CA CYS B 114 5.99 27.06 -23.98
C CYS B 114 4.83 27.98 -24.35
N ARG B 115 5.07 28.93 -25.25
CA ARG B 115 4.00 29.79 -25.73
CA ARG B 115 4.00 29.80 -25.74
C ARG B 115 2.95 28.99 -26.52
N GLN B 116 3.42 28.07 -27.36
CA GLN B 116 2.54 27.18 -28.13
C GLN B 116 1.76 26.24 -27.23
N MET B 117 2.44 25.70 -26.23
CA MET B 117 1.81 24.81 -25.25
C MET B 117 0.67 25.52 -24.53
N LEU B 118 0.95 26.73 -24.05
CA LEU B 118 -0.06 27.53 -23.38
C LEU B 118 -1.24 27.89 -24.29
N SER B 119 -0.96 28.20 -25.56
CA SER B 119 -2.02 28.54 -26.53
C SER B 119 -2.95 27.36 -26.80
N ASN B 120 -2.37 26.18 -26.98
CA ASN B 120 -3.11 24.92 -27.13
C ASN B 120 -3.98 24.61 -25.93
N ASP B 121 -3.44 24.86 -24.73
CA ASP B 121 -4.19 24.66 -23.49
C ASP B 121 -5.36 25.64 -23.38
N LEU B 122 -5.13 26.89 -23.76
CA LEU B 122 -6.20 27.91 -23.74
C LEU B 122 -7.35 27.57 -24.71
N GLN B 123 -6.99 27.16 -25.92
CA GLN B 123 -7.97 26.71 -26.90
C GLN B 123 -8.79 25.53 -26.41
N ALA B 124 -8.13 24.62 -25.69
CA ALA B 124 -8.80 23.45 -25.12
C ALA B 124 -9.81 23.90 -24.08
N GLU B 125 -9.37 24.75 -23.15
CA GLU B 125 -10.22 25.29 -22.08
C GLU B 125 -11.41 26.01 -22.68
N GLN B 126 -11.16 26.81 -23.72
CA GLN B 126 -12.22 27.57 -24.40
C GLN B 126 -13.29 26.68 -25.04
N ALA B 127 -12.85 25.60 -25.68
CA ALA B 127 -13.79 24.65 -26.27
C ALA B 127 -14.62 23.97 -25.17
N ILE B 128 -13.98 23.63 -24.06
CA ILE B 128 -14.66 23.00 -22.92
C ILE B 128 -15.62 23.97 -22.23
N ILE B 129 -15.20 25.23 -22.12
CA ILE B 129 -16.05 26.29 -21.58
C ILE B 129 -17.36 26.40 -22.38
N GLY B 130 -17.24 26.37 -23.71
CA GLY B 130 -18.42 26.38 -24.59
C GLY B 130 -19.37 25.23 -24.29
N VAL B 131 -18.82 24.02 -24.19
CA VAL B 131 -19.62 22.82 -23.95
C VAL B 131 -20.23 22.82 -22.55
N LEU B 132 -19.44 23.23 -21.56
CA LEU B 132 -19.93 23.33 -20.18
C LEU B 132 -21.18 24.21 -20.07
N ARG B 133 -21.16 25.38 -20.72
CA ARG B 133 -22.32 26.29 -20.72
C ARG B 133 -23.57 25.68 -21.38
N GLN B 134 -23.41 25.07 -22.55
CA GLN B 134 -24.55 24.42 -23.22
C GLN B 134 -25.13 23.33 -22.34
N GLN B 135 -24.24 22.52 -21.74
CA GLN B 135 -24.65 21.35 -20.98
C GLN B 135 -25.31 21.72 -19.66
N ALA B 136 -24.78 22.76 -19.01
CA ALA B 136 -25.36 23.28 -17.78
C ALA B 136 -26.76 23.84 -18.04
N THR B 137 -26.90 24.58 -19.12
CA THR B 137 -28.18 25.16 -19.53
C THR B 137 -29.17 24.04 -19.80
N GLN B 138 -28.72 23.01 -20.51
CA GLN B 138 -29.53 21.83 -20.79
C GLN B 138 -29.97 21.13 -19.50
N ALA B 139 -29.05 20.94 -18.57
CA ALA B 139 -29.37 20.27 -17.32
C ALA B 139 -30.44 21.04 -16.53
N GLU B 140 -30.23 22.34 -16.38
CA GLU B 140 -31.23 23.24 -15.78
C GLU B 140 -32.57 23.10 -16.48
N SER B 141 -32.53 23.22 -17.80
CA SER B 141 -33.71 23.13 -18.64
C SER B 141 -34.49 21.83 -18.42
N LEU B 142 -33.77 20.72 -18.28
CA LEU B 142 -34.42 19.41 -18.14
C LEU B 142 -34.81 19.06 -16.70
N GLY B 143 -34.44 19.93 -15.76
CA GLY B 143 -34.77 19.72 -14.35
C GLY B 143 -33.74 18.93 -13.55
N ASP B 144 -32.55 18.73 -14.11
CA ASP B 144 -31.45 18.11 -13.38
C ASP B 144 -30.64 19.22 -12.68
N ARG B 145 -31.12 19.63 -11.52
CA ARG B 145 -30.57 20.77 -10.78
C ARG B 145 -29.14 20.51 -10.28
N ALA B 146 -28.88 19.28 -9.84
CA ALA B 146 -27.56 18.92 -9.31
C ALA B 146 -26.49 18.91 -10.40
N THR B 147 -26.82 18.35 -11.57
CA THR B 147 -25.88 18.39 -12.68
C THR B 147 -25.58 19.83 -13.11
N ALA B 148 -26.59 20.69 -13.11
CA ALA B 148 -26.42 22.11 -13.39
C ALA B 148 -25.42 22.74 -12.41
N TYR B 149 -25.67 22.50 -11.12
CA TYR B 149 -24.81 22.97 -10.05
C TYR B 149 -23.36 22.45 -10.21
N LEU B 150 -23.20 21.15 -10.43
CA LEU B 150 -21.88 20.56 -10.60
C LEU B 150 -21.14 21.21 -11.76
N TYR B 151 -21.83 21.37 -12.88
CA TYR B 151 -21.25 22.02 -14.06
C TYR B 151 -20.79 23.47 -13.78
N ASP B 152 -21.63 24.27 -13.12
CA ASP B 152 -21.26 25.65 -12.77
C ASP B 152 -20.03 25.68 -11.88
N GLN B 153 -19.96 24.73 -10.94
CA GLN B 153 -18.83 24.56 -10.04
C GLN B 153 -17.55 24.29 -10.84
N ILE B 154 -17.62 23.35 -11.78
CA ILE B 154 -16.52 23.03 -12.70
C ILE B 154 -16.19 24.20 -13.65
N LEU B 155 -17.24 24.88 -14.13
CA LEU B 155 -17.06 26.03 -15.02
C LEU B 155 -16.25 27.15 -14.38
N LEU B 156 -16.55 27.47 -13.13
CA LEU B 156 -15.82 28.53 -12.41
C LEU B 156 -14.31 28.25 -12.35
N LYS B 157 -13.93 27.02 -12.01
CA LYS B 157 -12.53 26.59 -11.94
CA LYS B 157 -12.52 26.66 -11.93
C LYS B 157 -11.88 26.59 -13.32
N THR B 158 -12.65 26.20 -14.33
CA THR B 158 -12.19 26.09 -15.71
C THR B 158 -11.93 27.46 -16.33
N GLU B 159 -12.88 28.38 -16.17
CA GLU B 159 -12.70 29.76 -16.62
C GLU B 159 -11.47 30.39 -15.97
N GLU B 160 -11.30 30.09 -14.68
CA GLU B 160 -10.18 30.57 -13.90
C GLU B 160 -8.82 30.09 -14.47
N ARG B 161 -8.70 28.80 -14.79
CA ARG B 161 -7.53 28.27 -15.49
C ARG B 161 -7.33 29.03 -16.81
N ALA B 162 -8.40 29.12 -17.60
CA ALA B 162 -8.35 29.81 -18.88
C ALA B 162 -7.73 31.21 -18.80
N TYR B 163 -8.23 32.07 -17.90
CA TYR B 163 -7.68 33.42 -17.82
C TYR B 163 -6.31 33.53 -17.13
N HIS B 164 -5.95 32.54 -16.33
CA HIS B 164 -4.59 32.39 -15.83
C HIS B 164 -3.59 32.12 -16.97
N ILE B 165 -3.96 31.22 -17.90
CA ILE B 165 -3.18 31.00 -19.12
C ILE B 165 -3.06 32.31 -19.91
N GLY B 166 -4.19 33.01 -20.05
CA GLY B 166 -4.24 34.29 -20.73
C GLY B 166 -3.17 35.25 -20.24
N HIS B 167 -3.08 35.39 -18.92
CA HIS B 167 -2.09 36.26 -18.28
C HIS B 167 -0.65 35.85 -18.59
N PHE B 168 -0.39 34.54 -18.56
CA PHE B 168 0.90 34.01 -18.96
C PHE B 168 1.30 34.47 -20.35
N LEU B 169 0.32 34.49 -21.26
CA LEU B 169 0.57 34.83 -22.66
C LEU B 169 0.63 36.33 -22.92
N ALA B 170 0.21 37.13 -21.94
CA ALA B 170 0.10 38.58 -22.11
C ALA B 170 1.43 39.27 -22.46
N ASN B 171 1.33 40.38 -23.19
CA ASN B 171 2.49 41.13 -23.66
C ASN B 171 3.08 42.05 -22.59
N ASP B 172 3.66 41.44 -21.56
CA ASP B 172 4.39 42.16 -20.52
C ASP B 172 5.48 41.25 -19.97
N SER B 173 6.53 41.84 -19.41
CA SER B 173 7.61 41.10 -18.75
C SER B 173 8.51 42.05 -17.99
N LEU B 174 9.42 41.49 -17.18
CA LEU B 174 10.37 42.29 -16.43
C LEU B 174 11.63 42.61 -17.22
N LYS B 175 11.77 42.04 -18.42
CA LYS B 175 12.96 42.26 -19.25
C LYS B 175 13.14 43.74 -19.66
N VAL B 176 14.37 44.22 -19.53
CA VAL B 176 14.74 45.64 -19.70
C VAL B 176 13.87 46.43 -20.69
N SER C 4 -7.52 -31.15 13.11
CA SER C 4 -8.87 -31.45 12.58
C SER C 4 -9.09 -30.75 11.22
N ALA C 5 -9.32 -29.43 11.25
CA ALA C 5 -9.48 -28.63 10.05
C ALA C 5 -8.20 -28.60 9.21
N LEU C 6 -8.32 -28.90 7.93
CA LEU C 6 -7.19 -28.83 7.02
C LEU C 6 -7.08 -27.46 6.33
N PRO C 7 -5.87 -26.93 6.21
CA PRO C 7 -5.66 -25.61 5.63
C PRO C 7 -5.91 -25.59 4.12
N ARG C 8 -6.18 -24.41 3.57
CA ARG C 8 -6.24 -24.20 2.13
C ARG C 8 -4.87 -24.44 1.50
N GLN C 9 -3.83 -24.00 2.18
CA GLN C 9 -2.45 -24.21 1.73
C GLN C 9 -1.61 -24.60 2.94
N ALA C 10 -1.05 -25.80 2.89
CA ALA C 10 -0.27 -26.32 4.00
C ALA C 10 1.06 -25.59 4.08
N PHE C 11 1.56 -25.41 5.30
CA PHE C 11 2.90 -24.88 5.55
C PHE C 11 3.95 -25.73 4.83
N GLY C 12 4.91 -25.08 4.18
CA GLY C 12 5.93 -25.79 3.40
C GLY C 12 5.46 -26.26 2.03
N GLU C 13 4.26 -25.82 1.65
CA GLU C 13 3.70 -26.10 0.33
C GLU C 13 3.70 -24.80 -0.47
N MET C 14 4.00 -24.90 -1.76
CA MET C 14 4.05 -23.72 -2.64
C MET C 14 2.89 -23.69 -3.60
N ALA C 15 2.25 -22.52 -3.68
CA ALA C 15 1.27 -22.25 -4.72
C ALA C 15 1.95 -21.43 -5.81
N ASP C 16 1.29 -21.29 -6.95
CA ASP C 16 1.77 -20.40 -8.01
C ASP C 16 1.53 -18.96 -7.63
N THR C 17 2.42 -18.08 -8.07
CA THR C 17 2.24 -16.64 -7.85
C THR C 17 1.77 -15.95 -9.13
N VAL C 18 0.95 -14.91 -8.96
CA VAL C 18 0.43 -14.19 -10.13
C VAL C 18 1.47 -13.24 -10.72
N ILE C 19 2.59 -13.06 -10.03
CA ILE C 19 3.64 -12.16 -10.53
C ILE C 19 4.60 -12.88 -11.48
N LEU C 20 4.25 -14.12 -11.83
CA LEU C 20 4.87 -14.89 -12.90
C LEU C 20 6.37 -15.18 -12.71
N LEU C 21 6.70 -15.82 -11.60
CA LEU C 21 8.02 -16.38 -11.39
C LEU C 21 7.85 -17.86 -11.15
N GLU C 22 8.72 -18.66 -11.75
CA GLU C 22 8.65 -20.11 -11.62
C GLU C 22 8.82 -20.58 -10.17
N LYS C 23 8.25 -21.75 -9.86
CA LYS C 23 8.40 -22.34 -8.52
C LYS C 23 9.85 -22.58 -8.13
N ALA C 24 10.68 -22.94 -9.11
CA ALA C 24 12.12 -23.12 -8.89
C ALA C 24 12.80 -21.83 -8.41
N THR C 25 12.17 -20.69 -8.70
CA THR C 25 12.62 -19.39 -8.21
C THR C 25 11.99 -19.06 -6.85
N THR C 26 10.66 -19.17 -6.78
CA THR C 26 9.92 -18.74 -5.58
C THR C 26 10.13 -19.62 -4.35
N THR C 27 10.32 -20.93 -4.57
CA THR C 27 10.50 -21.87 -3.47
C THR C 27 11.73 -21.57 -2.57
N PRO C 28 12.93 -21.47 -3.16
CA PRO C 28 14.08 -21.13 -2.32
C PRO C 28 14.00 -19.71 -1.75
N ILE C 29 13.40 -18.79 -2.49
CA ILE C 29 13.24 -17.41 -2.01
C ILE C 29 12.31 -17.35 -0.79
N CYS C 30 11.18 -18.05 -0.86
CA CYS C 30 10.26 -18.13 0.28
C CYS C 30 10.88 -18.84 1.47
N GLU C 31 11.68 -19.87 1.20
CA GLU C 31 12.38 -20.61 2.26
C GLU C 31 13.26 -19.65 3.06
N GLY C 32 14.02 -18.82 2.37
CA GLY C 32 14.88 -17.85 3.01
C GLY C 32 14.12 -16.70 3.65
N MET C 33 13.03 -16.30 3.01
CA MET C 33 12.22 -15.20 3.50
C MET C 33 11.51 -15.57 4.80
N ASN C 34 11.10 -16.83 4.93
CA ASN C 34 10.52 -17.30 6.20
C ASN C 34 11.52 -17.30 7.32
N ARG C 35 12.78 -17.58 7.00
CA ARG C 35 13.85 -17.51 8.00
C ARG C 35 14.05 -16.08 8.46
N LEU C 36 13.99 -15.14 7.51
CA LEU C 36 14.11 -13.73 7.81
C LEU C 36 12.90 -13.20 8.59
N LEU C 37 11.70 -13.61 8.18
CA LEU C 37 10.48 -13.29 8.90
C LEU C 37 10.59 -13.71 10.37
N ALA C 38 10.86 -15.00 10.59
CA ALA C 38 11.01 -15.54 11.93
C ALA C 38 12.09 -14.83 12.74
N SER C 39 13.22 -14.54 12.10
CA SER C 39 14.32 -13.85 12.78
C SER C 39 13.94 -12.42 13.15
N PHE C 40 13.25 -11.72 12.25
CA PHE C 40 12.80 -10.35 12.52
C PHE C 40 11.71 -10.33 13.60
N GLN C 41 10.87 -11.36 13.60
CA GLN C 41 9.83 -11.50 14.61
C GLN C 41 10.45 -11.67 16.00
N ALA C 42 11.47 -12.52 16.11
CA ALA C 42 12.19 -12.73 17.37
C ALA C 42 12.88 -11.45 17.83
N LEU C 43 13.48 -10.74 16.88
CA LEU C 43 14.19 -9.51 17.18
C LEU C 43 13.24 -8.42 17.66
N TYR C 44 12.07 -8.36 17.04
CA TYR C 44 11.00 -7.44 17.42
C TYR C 44 10.58 -7.64 18.87
N LEU C 45 10.34 -8.89 19.25
CA LEU C 45 9.96 -9.27 20.60
C LEU C 45 11.08 -8.93 21.58
N GLN C 46 12.32 -9.17 21.15
CA GLN C 46 13.50 -8.91 21.97
C GLN C 46 13.70 -7.43 22.23
N TYR C 47 13.56 -6.60 21.18
CA TYR C 47 13.69 -5.15 21.32
C TYR C 47 12.60 -4.58 22.23
N GLN C 48 11.39 -5.13 22.09
CA GLN C 48 10.25 -4.76 22.91
C GLN C 48 10.54 -5.06 24.39
N LYS C 49 10.98 -6.29 24.65
CA LYS C 49 11.42 -6.73 25.97
C LYS C 49 12.41 -5.72 26.56
N HIS C 50 13.41 -5.37 25.75
CA HIS C 50 14.48 -4.49 26.20
C HIS C 50 13.97 -3.10 26.53
N HIS C 51 13.01 -2.63 25.75
CA HIS C 51 12.25 -1.42 26.05
C HIS C 51 11.54 -1.51 27.41
N PHE C 52 10.85 -2.64 27.68
CA PHE C 52 10.15 -2.85 28.94
C PHE C 52 11.07 -2.87 30.17
N VAL C 53 12.24 -3.51 30.06
CA VAL C 53 13.03 -3.83 31.25
C VAL C 53 14.27 -2.97 31.52
N VAL C 54 14.73 -2.22 30.51
CA VAL C 54 15.97 -1.42 30.66
C VAL C 54 15.88 -0.43 31.83
N GLU C 55 16.98 -0.30 32.56
CA GLU C 55 17.08 0.61 33.69
C GLU C 55 18.50 1.14 33.82
N GLY C 56 18.73 1.96 34.84
CA GLY C 56 20.06 2.49 35.09
C GLY C 56 20.24 3.90 34.57
N ALA C 57 21.49 4.36 34.60
CA ALA C 57 21.85 5.74 34.26
C ALA C 57 21.45 6.17 32.84
N GLU C 58 21.47 5.23 31.90
CA GLU C 58 21.11 5.51 30.52
C GLU C 58 19.71 5.00 30.18
N PHE C 59 18.83 4.96 31.18
CA PHE C 59 17.47 4.44 31.02
C PHE C 59 16.67 5.11 29.89
N TYR C 60 16.44 6.42 30.01
CA TYR C 60 15.57 7.11 29.06
CA TYR C 60 15.61 7.19 29.08
C TYR C 60 16.05 7.00 27.62
N PRO C 61 17.35 7.27 27.33
CA PRO C 61 17.77 7.13 25.92
C PRO C 61 17.63 5.71 25.37
N LEU C 62 17.99 4.71 26.17
CA LEU C 62 17.88 3.32 25.73
C LEU C 62 16.43 2.89 25.55
N HIS C 63 15.59 3.26 26.50
CA HIS C 63 14.14 3.11 26.45
C HIS C 63 13.58 3.51 25.09
N GLN C 64 13.92 4.74 24.66
CA GLN C 64 13.47 5.27 23.37
C GLN C 64 14.08 4.51 22.20
N PHE C 65 15.39 4.31 22.23
CA PHE C 65 16.11 3.62 21.17
C PHE C 65 15.52 2.23 20.90
N PHE C 66 15.25 1.50 21.97
CA PHE C 66 14.67 0.16 21.86
C PHE C 66 13.32 0.16 21.19
N GLN C 67 12.54 1.23 21.42
CA GLN C 67 11.25 1.41 20.77
C GLN C 67 11.37 1.70 19.27
N ASP C 68 12.26 2.63 18.92
CA ASP C 68 12.56 2.92 17.51
C ASP C 68 12.97 1.65 16.77
N CYS C 69 13.73 0.80 17.44
CA CYS C 69 14.20 -0.43 16.86
C CYS C 69 13.05 -1.40 16.60
N TYR C 70 12.25 -1.69 17.62
CA TYR C 70 11.17 -2.67 17.40
C TYR C 70 10.10 -2.17 16.44
N GLU C 71 9.89 -0.85 16.40
CA GLU C 71 8.96 -0.28 15.44
C GLU C 71 9.44 -0.41 14.00
N GLN C 72 10.73 -0.16 13.78
CA GLN C 72 11.32 -0.31 12.45
C GLN C 72 11.39 -1.78 12.03
N VAL C 73 11.81 -2.64 12.95
CA VAL C 73 11.84 -4.08 12.73
C VAL C 73 10.43 -4.64 12.44
N GLN C 74 9.43 -4.12 13.16
CA GLN C 74 8.04 -4.45 12.88
C GLN C 74 7.70 -4.18 11.40
N ASP C 75 8.23 -3.09 10.88
CA ASP C 75 8.03 -2.72 9.48
C ASP C 75 8.59 -3.79 8.54
N HIS C 76 9.77 -4.33 8.87
CA HIS C 76 10.39 -5.37 8.05
C HIS C 76 9.56 -6.66 8.09
N VAL C 77 9.04 -6.98 9.28
CA VAL C 77 8.18 -8.14 9.48
C VAL C 77 6.99 -8.07 8.53
N HIS C 78 6.30 -6.93 8.58
CA HIS C 78 5.16 -6.62 7.72
C HIS C 78 5.49 -6.79 6.23
N ALA C 79 6.56 -6.17 5.78
CA ALA C 79 6.97 -6.23 4.39
C ALA C 79 7.24 -7.67 3.93
N LEU C 80 7.95 -8.42 4.77
CA LEU C 80 8.37 -9.76 4.39
C LEU C 80 7.23 -10.78 4.40
N GLY C 81 6.43 -10.74 5.46
CA GLY C 81 5.27 -11.64 5.59
C GLY C 81 4.30 -11.49 4.45
N GLU C 82 4.04 -10.25 4.04
CA GLU C 82 3.08 -9.97 2.97
C GLU C 82 3.62 -10.37 1.59
N ARG C 83 4.90 -10.04 1.33
CA ARG C 83 5.53 -10.42 0.09
C ARG C 83 5.65 -11.96 -0.05
N LEU C 84 5.97 -12.62 1.05
CA LEU C 84 6.12 -14.07 1.06
C LEU C 84 4.83 -14.74 0.59
N ASN C 85 3.69 -14.33 1.17
CA ASN C 85 2.39 -14.81 0.75
C ASN C 85 2.12 -14.47 -0.72
N GLY C 86 2.44 -13.24 -1.10
CA GLY C 86 2.33 -12.80 -2.49
C GLY C 86 3.09 -13.68 -3.47
N LEU C 87 4.23 -14.21 -3.05
CA LEU C 87 5.08 -15.06 -3.88
C LEU C 87 4.58 -16.51 -3.96
N GLY C 88 3.54 -16.82 -3.19
CA GLY C 88 2.91 -18.15 -3.21
C GLY C 88 3.31 -19.06 -2.06
N GLY C 89 3.95 -18.49 -1.04
CA GLY C 89 4.38 -19.27 0.11
C GLY C 89 3.41 -19.10 1.26
N VAL C 90 3.70 -19.74 2.38
CA VAL C 90 2.94 -19.60 3.61
C VAL C 90 3.88 -19.05 4.69
N PRO C 91 3.59 -17.84 5.21
CA PRO C 91 4.43 -17.27 6.24
C PRO C 91 4.31 -18.03 7.57
N VAL C 92 5.44 -18.18 8.26
CA VAL C 92 5.48 -18.79 9.60
C VAL C 92 4.76 -17.91 10.64
N ALA C 93 4.04 -18.55 11.58
CA ALA C 93 3.24 -17.83 12.57
C ALA C 93 3.12 -18.53 13.94
N GLY C 94 3.56 -19.78 14.02
CA GLY C 94 3.48 -20.55 15.25
C GLY C 94 4.80 -20.55 15.99
N PHE C 95 4.73 -20.66 17.31
CA PHE C 95 5.89 -20.54 18.18
C PHE C 95 6.99 -21.57 17.93
N GLN C 96 6.57 -22.79 17.61
CA GLN C 96 7.50 -23.88 17.36
C GLN C 96 8.33 -23.62 16.11
N GLN C 97 7.64 -23.39 14.99
CA GLN C 97 8.28 -23.15 13.72
C GLN C 97 9.03 -21.80 13.69
N LEU C 98 8.49 -20.81 14.39
CA LEU C 98 9.17 -19.52 14.56
C LEU C 98 10.52 -19.70 15.24
N ALA C 99 10.55 -20.50 16.31
CA ALA C 99 11.80 -20.77 17.04
C ALA C 99 12.81 -21.54 16.20
N ALA C 100 12.31 -22.44 15.35
CA ALA C 100 13.16 -23.29 14.52
C ALA C 100 13.82 -22.55 13.37
N LEU C 101 13.14 -21.53 12.84
CA LEU C 101 13.62 -20.80 11.66
C LEU C 101 14.47 -19.57 11.99
N CYS C 102 14.41 -19.15 13.26
CA CYS C 102 15.17 -17.98 13.73
C CYS C 102 16.66 -18.21 13.52
N CYS C 103 17.35 -17.21 12.98
CA CYS C 103 18.76 -17.39 12.56
C CYS C 103 19.77 -16.96 13.63
N PHE C 104 19.29 -16.50 14.77
CA PHE C 104 20.17 -16.20 15.91
C PHE C 104 19.61 -16.84 17.16
N THR C 105 20.40 -16.89 18.22
CA THR C 105 19.92 -17.37 19.50
C THR C 105 19.36 -16.17 20.27
N PRO C 106 18.07 -16.22 20.62
CA PRO C 106 17.50 -15.08 21.35
C PRO C 106 18.01 -15.05 22.78
N GLU C 107 17.97 -13.87 23.39
CA GLU C 107 18.29 -13.75 24.79
C GLU C 107 17.36 -14.64 25.61
N PRO C 108 17.91 -15.35 26.60
CA PRO C 108 17.05 -16.17 27.46
C PRO C 108 16.08 -15.28 28.26
N GLU C 109 15.01 -15.88 28.79
CA GLU C 109 14.05 -15.13 29.60
C GLU C 109 14.72 -14.56 30.85
N GLY C 110 14.10 -13.54 31.44
CA GLY C 110 14.68 -12.85 32.59
C GLY C 110 15.31 -11.54 32.15
N ALA C 111 15.52 -10.64 33.09
CA ALA C 111 16.09 -9.33 32.79
C ALA C 111 17.62 -9.34 32.90
N PHE C 112 18.29 -8.87 31.85
CA PHE C 112 19.74 -8.72 31.80
C PHE C 112 20.13 -7.24 31.89
N ASN C 113 21.40 -6.94 32.16
CA ASN C 113 21.84 -5.54 32.20
C ASN C 113 21.92 -4.91 30.81
N CYS C 114 22.07 -3.59 30.76
CA CYS C 114 21.93 -2.88 29.49
C CYS C 114 23.02 -3.18 28.46
N ARG C 115 24.25 -3.44 28.91
CA ARG C 115 25.33 -3.81 27.99
CA ARG C 115 25.34 -3.80 28.00
C ARG C 115 25.09 -5.19 27.37
N GLN C 116 24.62 -6.13 28.18
CA GLN C 116 24.27 -7.46 27.72
C GLN C 116 23.11 -7.43 26.71
N MET C 117 22.06 -6.67 27.04
CA MET C 117 20.94 -6.49 26.13
C MET C 117 21.38 -6.00 24.77
N LEU C 118 22.22 -4.96 24.75
CA LEU C 118 22.72 -4.40 23.51
C LEU C 118 23.59 -5.39 22.72
N SER C 119 24.46 -6.12 23.43
CA SER C 119 25.32 -7.12 22.81
C SER C 119 24.49 -8.20 22.13
N ASN C 120 23.47 -8.67 22.83
CA ASN C 120 22.53 -9.66 22.29
C ASN C 120 21.85 -9.13 21.05
N ASP C 121 21.40 -7.88 21.12
CA ASP C 121 20.74 -7.24 19.98
C ASP C 121 21.69 -7.07 18.79
N LEU C 122 22.94 -6.69 19.07
CA LEU C 122 23.94 -6.56 18.01
C LEU C 122 24.22 -7.90 17.32
N GLN C 123 24.49 -8.94 18.10
CA GLN C 123 24.70 -10.29 17.55
C GLN C 123 23.53 -10.74 16.68
N ALA C 124 22.31 -10.44 17.13
CA ALA C 124 21.11 -10.75 16.37
C ALA C 124 21.09 -10.02 15.03
N GLU C 125 21.30 -8.70 15.05
CA GLU C 125 21.35 -7.88 13.83
C GLU C 125 22.42 -8.40 12.87
N GLN C 126 23.58 -8.78 13.41
CA GLN C 126 24.69 -9.28 12.60
C GLN C 126 24.34 -10.60 11.92
N ALA C 127 23.69 -11.49 12.66
CA ALA C 127 23.18 -12.74 12.09
C ALA C 127 22.19 -12.45 10.96
N ILE C 128 21.31 -11.48 11.15
CA ILE C 128 20.33 -11.13 10.13
C ILE C 128 20.99 -10.48 8.89
N ILE C 129 21.96 -9.59 9.12
CA ILE C 129 22.76 -8.98 8.06
C ILE C 129 23.35 -10.05 7.12
N GLY C 130 23.95 -11.08 7.71
CA GLY C 130 24.51 -12.21 6.97
C GLY C 130 23.50 -12.91 6.09
N VAL C 131 22.30 -13.16 6.63
CA VAL C 131 21.22 -13.79 5.87
C VAL C 131 20.64 -12.86 4.79
N LEU C 132 20.45 -11.59 5.13
CA LEU C 132 20.01 -10.59 4.15
C LEU C 132 20.90 -10.53 2.90
N ARG C 133 22.22 -10.48 3.09
CA ARG C 133 23.14 -10.42 1.95
C ARG C 133 23.04 -11.68 1.09
N GLN C 134 23.11 -12.83 1.74
CA GLN C 134 23.00 -14.13 1.07
CA GLN C 134 23.01 -14.11 1.05
C GLN C 134 21.68 -14.23 0.30
N GLN C 135 20.58 -13.82 0.93
CA GLN C 135 19.26 -13.89 0.28
C GLN C 135 19.07 -12.84 -0.82
N ALA C 136 19.63 -11.65 -0.64
CA ALA C 136 19.59 -10.61 -1.66
C ALA C 136 20.36 -11.01 -2.91
N THR C 137 21.54 -11.61 -2.71
CA THR C 137 22.36 -12.14 -3.80
C THR C 137 21.61 -13.23 -4.57
N GLN C 138 20.94 -14.12 -3.84
CA GLN C 138 20.12 -15.17 -4.45
C GLN C 138 18.99 -14.61 -5.31
N ALA C 139 18.19 -13.71 -4.75
CA ALA C 139 17.08 -13.08 -5.47
C ALA C 139 17.52 -12.46 -6.80
N GLU C 140 18.59 -11.64 -6.74
CA GLU C 140 19.24 -11.10 -7.93
C GLU C 140 19.62 -12.20 -8.90
N SER C 141 20.31 -13.21 -8.40
CA SER C 141 20.76 -14.32 -9.20
C SER C 141 19.61 -15.04 -9.90
N LEU C 142 18.47 -15.15 -9.23
CA LEU C 142 17.32 -15.90 -9.75
C LEU C 142 16.36 -15.04 -10.59
N GLY C 143 16.64 -13.75 -10.68
CA GLY C 143 15.82 -12.84 -11.49
C GLY C 143 14.67 -12.19 -10.74
N ASP C 144 14.61 -12.37 -9.42
CA ASP C 144 13.59 -11.71 -8.60
C ASP C 144 14.12 -10.36 -8.14
N ARG C 145 13.95 -9.36 -9.00
CA ARG C 145 14.48 -8.02 -8.81
C ARG C 145 13.90 -7.25 -7.64
N ALA C 146 12.58 -7.33 -7.47
CA ALA C 146 11.88 -6.58 -6.43
C ALA C 146 12.29 -7.06 -5.05
N THR C 147 12.39 -8.39 -4.88
CA THR C 147 12.86 -8.99 -3.63
C THR C 147 14.26 -8.49 -3.25
N ALA C 148 15.18 -8.53 -4.21
CA ALA C 148 16.55 -8.07 -3.98
C ALA C 148 16.53 -6.62 -3.56
N TYR C 149 15.66 -5.84 -4.20
CA TYR C 149 15.51 -4.42 -3.92
C TYR C 149 14.97 -4.22 -2.49
N LEU C 150 13.93 -4.98 -2.15
CA LEU C 150 13.34 -4.92 -0.82
C LEU C 150 14.34 -5.30 0.27
N TYR C 151 15.09 -6.40 0.06
CA TYR C 151 16.12 -6.82 0.99
C TYR C 151 17.22 -5.76 1.18
N ASP C 152 17.62 -5.11 0.10
CA ASP C 152 18.63 -4.05 0.16
C ASP C 152 18.14 -2.89 1.01
N GLN C 153 16.88 -2.54 0.80
CA GLN C 153 16.20 -1.51 1.56
C GLN C 153 16.20 -1.84 3.05
N ILE C 154 15.86 -3.10 3.36
CA ILE C 154 15.85 -3.59 4.73
C ILE C 154 17.27 -3.67 5.30
N LEU C 155 18.22 -4.11 4.47
CA LEU C 155 19.63 -4.20 4.85
C LEU C 155 20.22 -2.85 5.27
N LEU C 156 19.92 -1.81 4.51
CA LEU C 156 20.41 -0.46 4.83
C LEU C 156 20.00 -0.02 6.23
N LYS C 157 18.74 -0.23 6.57
CA LYS C 157 18.23 0.16 7.88
C LYS C 157 18.71 -0.78 8.99
N THR C 158 18.86 -2.06 8.65
CA THR C 158 19.34 -3.08 9.58
C THR C 158 20.80 -2.82 9.97
N GLU C 159 21.65 -2.52 8.98
CA GLU C 159 23.05 -2.19 9.22
C GLU C 159 23.15 -0.93 10.07
N GLU C 160 22.35 0.06 9.74
CA GLU C 160 22.28 1.31 10.48
C GLU C 160 21.95 1.08 11.96
N ARG C 161 21.01 0.17 12.21
CA ARG C 161 20.65 -0.22 13.57
C ARG C 161 21.84 -0.87 14.27
N ALA C 162 22.55 -1.75 13.56
CA ALA C 162 23.73 -2.44 14.10
C ALA C 162 24.83 -1.47 14.56
N TYR C 163 25.23 -0.53 13.72
CA TYR C 163 26.29 0.40 14.13
C TYR C 163 25.85 1.47 15.13
N HIS C 164 24.55 1.71 15.22
CA HIS C 164 24.00 2.52 16.32
C HIS C 164 24.18 1.80 17.65
N ILE C 165 23.93 0.49 17.67
CA ILE C 165 24.20 -0.31 18.87
C ILE C 165 25.70 -0.29 19.15
N GLY C 166 26.50 -0.45 18.10
CA GLY C 166 27.95 -0.38 18.19
C GLY C 166 28.43 0.86 18.92
N HIS C 167 27.83 2.01 18.58
CA HIS C 167 28.19 3.27 19.22
C HIS C 167 27.82 3.33 20.69
N PHE C 168 26.66 2.79 21.04
CA PHE C 168 26.23 2.70 22.44
C PHE C 168 27.23 1.95 23.31
N LEU C 169 27.85 0.92 22.73
CA LEU C 169 28.75 0.02 23.44
C LEU C 169 30.19 0.50 23.43
N ALA C 170 30.48 1.52 22.61
CA ALA C 170 31.85 2.04 22.47
C ALA C 170 32.40 2.57 23.78
N ASN C 171 33.72 2.59 23.90
CA ASN C 171 34.35 3.03 25.13
C ASN C 171 34.62 4.54 25.16
N ASP C 172 33.56 5.32 25.21
CA ASP C 172 33.64 6.76 25.43
C ASP C 172 32.52 7.13 26.38
N SER C 173 32.70 8.23 27.10
CA SER C 173 31.74 8.65 28.11
C SER C 173 31.99 10.08 28.53
N LEU C 174 30.96 10.74 29.05
CA LEU C 174 31.12 12.02 29.70
C LEU C 174 31.59 11.88 31.14
N LYS C 175 31.53 10.65 31.67
CA LYS C 175 32.04 10.36 33.02
C LYS C 175 33.51 10.77 33.15
N VAL C 176 33.74 11.82 33.95
CA VAL C 176 35.06 12.43 34.13
C VAL C 176 35.61 12.16 35.54
N ALA D 5 25.57 -16.59 30.55
CA ALA D 5 25.40 -15.77 31.80
C ALA D 5 23.96 -15.84 32.29
N LEU D 6 23.78 -15.55 33.58
CA LEU D 6 22.47 -15.50 34.20
C LEU D 6 21.96 -14.06 34.31
N PRO D 7 20.62 -13.88 34.26
CA PRO D 7 20.01 -12.55 34.34
C PRO D 7 20.13 -11.96 35.73
N ARG D 8 19.96 -10.64 35.87
CA ARG D 8 19.95 -9.99 37.18
CA ARG D 8 19.96 -10.01 37.19
C ARG D 8 18.62 -10.22 37.91
N GLN D 9 17.59 -10.54 37.13
CA GLN D 9 16.30 -10.94 37.66
C GLN D 9 15.76 -12.08 36.81
N ALA D 10 15.58 -13.24 37.45
CA ALA D 10 15.13 -14.44 36.76
C ALA D 10 13.68 -14.33 36.35
N PHE D 11 13.30 -15.11 35.35
CA PHE D 11 11.89 -15.25 35.04
C PHE D 11 11.18 -15.92 36.22
N GLY D 12 9.96 -15.45 36.50
CA GLY D 12 9.19 -15.92 37.65
C GLY D 12 9.54 -15.19 38.94
N GLU D 13 10.66 -14.48 38.94
CA GLU D 13 11.12 -13.77 40.12
C GLU D 13 10.46 -12.40 40.24
N MET D 14 10.13 -12.02 41.48
CA MET D 14 9.57 -10.70 41.79
C MET D 14 10.59 -9.80 42.49
N ALA D 15 10.73 -8.58 42.01
CA ALA D 15 11.49 -7.53 42.72
C ALA D 15 10.50 -6.60 43.41
N ASP D 16 11.02 -5.73 44.27
CA ASP D 16 10.19 -4.70 44.89
C ASP D 16 9.82 -3.63 43.88
N THR D 17 8.64 -3.05 44.05
CA THR D 17 8.19 -1.94 43.23
C THR D 17 8.27 -0.64 44.01
N VAL D 18 8.55 0.47 43.32
CA VAL D 18 8.59 1.77 43.97
C VAL D 18 7.19 2.36 44.17
N ILE D 19 6.15 1.68 43.66
CA ILE D 19 4.80 2.23 43.73
C ILE D 19 3.98 1.80 44.96
N LEU D 20 4.70 1.36 46.01
CA LEU D 20 4.13 1.05 47.33
C LEU D 20 3.04 -0.03 47.34
N LEU D 21 3.27 -1.10 46.58
CA LEU D 21 2.41 -2.28 46.66
C LEU D 21 3.28 -3.42 47.15
N GLU D 22 2.76 -4.24 48.06
CA GLU D 22 3.52 -5.35 48.58
C GLU D 22 3.54 -6.56 47.66
N LYS D 23 4.52 -7.43 47.89
CA LYS D 23 4.70 -8.66 47.11
C LYS D 23 3.41 -9.47 46.98
N ALA D 24 2.66 -9.56 48.08
CA ALA D 24 1.42 -10.35 48.13
C ALA D 24 0.36 -9.85 47.17
N THR D 25 0.46 -8.58 46.79
CA THR D 25 -0.40 -7.97 45.78
C THR D 25 0.25 -8.05 44.40
N THR D 26 1.52 -7.64 44.30
CA THR D 26 2.21 -7.54 43.01
C THR D 26 2.43 -8.89 42.33
N THR D 27 2.70 -9.92 43.13
CA THR D 27 3.04 -11.25 42.62
C THR D 27 1.92 -11.90 41.79
N PRO D 28 0.73 -12.11 42.39
CA PRO D 28 -0.36 -12.70 41.60
C PRO D 28 -0.82 -11.80 40.46
N ILE D 29 -0.70 -10.49 40.63
CA ILE D 29 -1.02 -9.53 39.55
C ILE D 29 -0.08 -9.68 38.36
N CYS D 30 1.23 -9.69 38.62
CA CYS D 30 2.23 -9.85 37.57
C CYS D 30 2.12 -11.21 36.86
N GLU D 31 1.83 -12.25 37.62
CA GLU D 31 1.65 -13.58 37.04
C GLU D 31 0.47 -13.61 36.08
N GLY D 32 -0.62 -12.97 36.47
CA GLY D 32 -1.77 -12.83 35.59
C GLY D 32 -1.50 -11.94 34.38
N MET D 33 -0.78 -10.84 34.62
CA MET D 33 -0.40 -9.91 33.56
C MET D 33 0.48 -10.58 32.49
N ASN D 34 1.37 -11.48 32.93
CA ASN D 34 2.17 -12.29 32.02
C ASN D 34 1.35 -13.25 31.16
N ARG D 35 0.34 -13.90 31.75
CA ARG D 35 -0.55 -14.77 30.98
CA ARG D 35 -0.54 -14.77 30.98
C ARG D 35 -1.24 -13.93 29.91
N LEU D 36 -1.67 -12.73 30.30
CA LEU D 36 -2.35 -11.81 29.41
C LEU D 36 -1.40 -11.25 28.35
N LEU D 37 -0.20 -10.89 28.75
CA LEU D 37 0.84 -10.44 27.82
C LEU D 37 1.16 -11.50 26.77
N ALA D 38 1.39 -12.73 27.21
CA ALA D 38 1.63 -13.85 26.28
C ALA D 38 0.47 -14.04 25.30
N SER D 39 -0.76 -13.99 25.81
CA SER D 39 -1.94 -14.21 24.98
C SER D 39 -2.13 -13.11 23.95
N PHE D 40 -1.93 -11.86 24.36
CA PHE D 40 -1.98 -10.73 23.44
C PHE D 40 -0.89 -10.80 22.39
N GLN D 41 0.32 -11.19 22.82
CA GLN D 41 1.44 -11.36 21.92
C GLN D 41 1.13 -12.45 20.88
N ALA D 42 0.56 -13.55 21.35
CA ALA D 42 0.16 -14.64 20.47
C ALA D 42 -0.97 -14.21 19.54
N LEU D 43 -1.88 -13.39 20.04
CA LEU D 43 -2.99 -12.89 19.23
C LEU D 43 -2.52 -11.89 18.17
N TYR D 44 -1.56 -11.03 18.53
CA TYR D 44 -0.95 -10.12 17.56
C TYR D 44 -0.38 -10.91 16.38
N LEU D 45 0.33 -11.99 16.66
CA LEU D 45 0.93 -12.85 15.65
C LEU D 45 -0.12 -13.48 14.74
N GLN D 46 -1.21 -13.95 15.35
CA GLN D 46 -2.30 -14.58 14.62
C GLN D 46 -3.01 -13.60 13.67
N TYR D 47 -3.41 -12.44 14.20
CA TYR D 47 -4.04 -11.39 13.38
C TYR D 47 -3.14 -10.97 12.22
N GLN D 48 -1.85 -10.82 12.50
CA GLN D 48 -0.88 -10.42 11.50
C GLN D 48 -0.79 -11.47 10.39
N LYS D 49 -0.72 -12.74 10.77
CA LYS D 49 -0.79 -13.87 9.83
C LYS D 49 -2.03 -13.78 8.94
N HIS D 50 -3.18 -13.55 9.58
CA HIS D 50 -4.45 -13.41 8.88
C HIS D 50 -4.44 -12.25 7.91
N HIS D 51 -3.84 -11.13 8.33
CA HIS D 51 -3.61 -10.00 7.45
C HIS D 51 -2.80 -10.41 6.22
N PHE D 52 -1.73 -11.19 6.45
CA PHE D 52 -0.87 -11.64 5.36
C PHE D 52 -1.58 -12.58 4.38
N VAL D 53 -2.40 -13.49 4.88
CA VAL D 53 -2.83 -14.63 4.05
C VAL D 53 -4.29 -14.64 3.58
N VAL D 54 -5.11 -13.71 4.10
CA VAL D 54 -6.52 -13.66 3.74
C VAL D 54 -6.72 -13.36 2.25
N GLU D 55 -7.75 -13.96 1.66
CA GLU D 55 -8.07 -13.76 0.25
C GLU D 55 -9.54 -14.06 0.05
N GLY D 56 -10.03 -13.82 -1.16
CA GLY D 56 -11.43 -14.11 -1.50
C GLY D 56 -12.28 -12.87 -1.61
N ALA D 57 -13.60 -13.08 -1.63
CA ALA D 57 -14.59 -12.02 -1.88
C ALA D 57 -14.53 -10.84 -0.93
N GLU D 58 -14.10 -11.07 0.31
CA GLU D 58 -14.00 -10.00 1.31
C GLU D 58 -12.54 -9.69 1.65
N PHE D 59 -11.66 -9.87 0.67
CA PHE D 59 -10.23 -9.65 0.86
C PHE D 59 -9.89 -8.29 1.48
N TYR D 60 -10.37 -7.21 0.88
CA TYR D 60 -9.94 -5.88 1.31
C TYR D 60 -10.42 -5.49 2.70
N PRO D 61 -11.71 -5.74 3.00
CA PRO D 61 -12.18 -5.42 4.35
C PRO D 61 -11.46 -6.23 5.44
N LEU D 62 -11.33 -7.54 5.23
CA LEU D 62 -10.70 -8.40 6.23
C LEU D 62 -9.22 -8.07 6.38
N HIS D 63 -8.54 -7.87 5.26
CA HIS D 63 -7.16 -7.43 5.18
C HIS D 63 -6.94 -6.23 6.12
N GLN D 64 -7.72 -5.18 5.92
CA GLN D 64 -7.63 -3.98 6.73
C GLN D 64 -8.08 -4.23 8.17
N PHE D 65 -9.14 -5.03 8.35
CA PHE D 65 -9.65 -5.35 9.69
C PHE D 65 -8.62 -6.06 10.56
N PHE D 66 -7.92 -7.03 9.98
CA PHE D 66 -6.91 -7.79 10.71
C PHE D 66 -5.76 -6.89 11.16
N GLN D 67 -5.37 -5.94 10.32
CA GLN D 67 -4.32 -4.97 10.65
C GLN D 67 -4.73 -4.04 11.80
N ASP D 68 -5.95 -3.50 11.71
CA ASP D 68 -6.49 -2.68 12.79
C ASP D 68 -6.46 -3.44 14.11
N CYS D 69 -6.89 -4.70 14.08
CA CYS D 69 -6.90 -5.55 15.26
C CYS D 69 -5.51 -5.75 15.85
N TYR D 70 -4.53 -6.16 15.03
CA TYR D 70 -3.22 -6.42 15.60
C TYR D 70 -2.50 -5.15 16.06
N GLU D 71 -2.79 -4.03 15.43
CA GLU D 71 -2.20 -2.77 15.85
C GLU D 71 -2.76 -2.36 17.20
N GLN D 72 -4.07 -2.58 17.39
CA GLN D 72 -4.70 -2.32 18.67
C GLN D 72 -4.18 -3.25 19.76
N VAL D 73 -3.97 -4.52 19.42
CA VAL D 73 -3.39 -5.51 20.34
C VAL D 73 -1.95 -5.16 20.72
N GLN D 74 -1.18 -4.65 19.73
CA GLN D 74 0.17 -4.12 19.98
C GLN D 74 0.20 -3.05 21.06
N ASP D 75 -0.86 -2.23 21.12
CA ASP D 75 -0.99 -1.20 22.14
CA ASP D 75 -0.99 -1.20 22.15
C ASP D 75 -1.16 -1.82 23.52
N HIS D 76 -1.93 -2.90 23.61
CA HIS D 76 -2.15 -3.62 24.88
C HIS D 76 -0.87 -4.28 25.39
N VAL D 77 -0.14 -4.89 24.45
CA VAL D 77 1.16 -5.50 24.72
C VAL D 77 2.11 -4.50 25.38
N HIS D 78 2.23 -3.33 24.75
CA HIS D 78 3.09 -2.25 25.25
C HIS D 78 2.69 -1.86 26.67
N ALA D 79 1.39 -1.63 26.86
CA ALA D 79 0.86 -1.21 28.15
C ALA D 79 1.13 -2.25 29.22
N LEU D 80 0.88 -3.51 28.90
CA LEU D 80 1.04 -4.59 29.87
C LEU D 80 2.50 -4.90 30.17
N GLY D 81 3.31 -4.99 29.11
CA GLY D 81 4.75 -5.21 29.23
C GLY D 81 5.43 -4.20 30.14
N GLU D 82 5.10 -2.92 29.95
CA GLU D 82 5.74 -1.86 30.73
C GLU D 82 5.23 -1.77 32.17
N ARG D 83 3.92 -1.96 32.34
CA ARG D 83 3.30 -1.99 33.65
C ARG D 83 3.87 -3.14 34.51
N LEU D 84 3.93 -4.33 33.92
CA LEU D 84 4.44 -5.53 34.57
C LEU D 84 5.82 -5.31 35.15
N ASN D 85 6.74 -4.78 34.34
CA ASN D 85 8.08 -4.45 34.81
C ASN D 85 8.05 -3.40 35.93
N GLY D 86 7.19 -2.38 35.74
CA GLY D 86 6.98 -1.33 36.73
C GLY D 86 6.55 -1.88 38.08
N LEU D 87 5.73 -2.93 38.05
CA LEU D 87 5.24 -3.61 39.26
C LEU D 87 6.30 -4.52 39.92
N GLY D 88 7.43 -4.68 39.24
CA GLY D 88 8.57 -5.43 39.78
C GLY D 88 8.73 -6.84 39.27
N GLY D 89 8.04 -7.18 38.18
CA GLY D 89 8.16 -8.49 37.58
C GLY D 89 9.00 -8.51 36.31
N VAL D 90 9.05 -9.68 35.67
CA VAL D 90 9.76 -9.84 34.40
C VAL D 90 8.78 -10.25 33.31
N PRO D 91 8.61 -9.40 32.28
CA PRO D 91 7.67 -9.72 31.21
C PRO D 91 8.18 -10.88 30.34
N VAL D 92 7.28 -11.78 29.97
CA VAL D 92 7.59 -12.84 29.01
C VAL D 92 8.03 -12.21 27.69
N ALA D 93 8.97 -12.85 27.00
CA ALA D 93 9.51 -12.29 25.76
C ALA D 93 9.55 -13.25 24.57
N GLY D 94 10.26 -14.36 24.71
CA GLY D 94 10.55 -15.25 23.58
C GLY D 94 9.46 -16.25 23.22
N PHE D 95 9.58 -16.81 22.02
CA PHE D 95 8.61 -17.74 21.45
C PHE D 95 8.17 -18.84 22.38
N GLN D 96 9.15 -19.55 22.94
CA GLN D 96 8.87 -20.75 23.73
C GLN D 96 8.17 -20.44 25.06
N GLN D 97 8.52 -19.33 25.68
CA GLN D 97 7.88 -18.88 26.92
C GLN D 97 6.48 -18.35 26.69
N LEU D 98 6.30 -17.65 25.57
CA LEU D 98 4.97 -17.22 25.13
C LEU D 98 4.05 -18.42 24.91
N ALA D 99 4.56 -19.45 24.22
CA ALA D 99 3.80 -20.67 24.00
C ALA D 99 3.34 -21.27 25.33
N ALA D 100 4.21 -21.21 26.33
CA ALA D 100 3.93 -21.78 27.65
C ALA D 100 2.81 -21.07 28.40
N LEU D 101 2.68 -19.76 28.20
CA LEU D 101 1.74 -18.95 29.00
C LEU D 101 0.47 -18.49 28.24
N CYS D 102 0.42 -18.77 26.94
CA CYS D 102 -0.72 -18.34 26.11
C CYS D 102 -2.02 -19.01 26.56
N CYS D 103 -3.07 -18.22 26.76
CA CYS D 103 -4.30 -18.73 27.36
C CYS D 103 -5.29 -19.31 26.35
N PHE D 104 -4.96 -19.24 25.06
CA PHE D 104 -5.76 -19.89 24.02
C PHE D 104 -4.88 -20.81 23.17
N THR D 105 -5.51 -21.62 22.31
CA THR D 105 -4.76 -22.47 21.38
C THR D 105 -4.51 -21.74 20.06
N PRO D 106 -3.22 -21.44 19.78
CA PRO D 106 -2.89 -20.74 18.55
C PRO D 106 -3.22 -21.59 17.32
N GLU D 107 -3.57 -20.90 16.23
CA GLU D 107 -3.85 -21.52 14.95
C GLU D 107 -2.63 -22.32 14.47
N PRO D 108 -2.85 -23.53 13.92
CA PRO D 108 -1.70 -24.28 13.38
C PRO D 108 -1.08 -23.56 12.19
N GLU D 109 0.13 -23.95 11.82
CA GLU D 109 0.75 -23.43 10.61
C GLU D 109 -0.09 -23.80 9.40
N GLY D 110 0.03 -23.02 8.33
CA GLY D 110 -0.77 -23.22 7.13
C GLY D 110 -1.80 -22.12 7.02
N ALA D 111 -2.25 -21.84 5.80
CA ALA D 111 -3.25 -20.81 5.55
C ALA D 111 -4.64 -21.45 5.52
N PHE D 112 -5.50 -21.00 6.42
CA PHE D 112 -6.89 -21.48 6.50
C PHE D 112 -7.85 -20.49 5.84
N ASN D 113 -9.11 -20.89 5.67
CA ASN D 113 -10.08 -19.99 5.02
C ASN D 113 -10.55 -18.87 5.95
N CYS D 114 -11.21 -17.86 5.40
CA CYS D 114 -11.48 -16.64 6.17
C CYS D 114 -12.46 -16.80 7.32
N ARG D 115 -13.42 -17.72 7.19
CA ARG D 115 -14.36 -18.01 8.26
CA ARG D 115 -14.36 -18.01 8.27
C ARG D 115 -13.66 -18.71 9.43
N GLN D 116 -12.76 -19.62 9.11
CA GLN D 116 -11.97 -20.33 10.12
C GLN D 116 -11.06 -19.38 10.88
N MET D 117 -10.40 -18.50 10.14
CA MET D 117 -9.51 -17.49 10.72
C MET D 117 -10.24 -16.59 11.71
N LEU D 118 -11.40 -16.07 11.30
CA LEU D 118 -12.21 -15.22 12.16
C LEU D 118 -12.71 -15.97 13.41
N SER D 119 -13.09 -17.24 13.24
CA SER D 119 -13.51 -18.07 14.36
C SER D 119 -12.37 -18.28 15.36
N ASN D 120 -11.18 -18.56 14.84
CA ASN D 120 -9.99 -18.69 15.68
C ASN D 120 -9.71 -17.40 16.45
N ASP D 121 -9.85 -16.26 15.78
CA ASP D 121 -9.66 -14.96 16.40
C ASP D 121 -10.70 -14.71 17.49
N LEU D 122 -11.96 -15.05 17.21
CA LEU D 122 -13.03 -14.87 18.18
C LEU D 122 -12.79 -15.69 19.45
N GLN D 123 -12.43 -16.96 19.27
CA GLN D 123 -12.13 -17.83 20.41
C GLN D 123 -10.96 -17.29 21.23
N ALA D 124 -9.92 -16.83 20.52
CA ALA D 124 -8.78 -16.18 21.15
C ALA D 124 -9.19 -14.97 21.98
N GLU D 125 -10.01 -14.08 21.41
CA GLU D 125 -10.49 -12.90 22.13
C GLU D 125 -11.36 -13.29 23.35
N GLN D 126 -12.17 -14.33 23.20
CA GLN D 126 -13.05 -14.79 24.27
C GLN D 126 -12.28 -15.34 25.46
N ALA D 127 -11.27 -16.15 25.16
CA ALA D 127 -10.38 -16.68 26.18
C ALA D 127 -9.72 -15.52 26.93
N ILE D 128 -9.22 -14.53 26.17
CA ILE D 128 -8.61 -13.33 26.75
C ILE D 128 -9.61 -12.50 27.57
N ILE D 129 -10.82 -12.30 27.04
CA ILE D 129 -11.89 -11.62 27.80
C ILE D 129 -12.11 -12.30 29.15
N GLY D 130 -12.19 -13.63 29.13
CA GLY D 130 -12.32 -14.43 30.35
C GLY D 130 -11.27 -14.07 31.39
N VAL D 131 -10.01 -14.06 30.97
CA VAL D 131 -8.89 -13.82 31.88
C VAL D 131 -8.84 -12.36 32.32
N LEU D 132 -9.08 -11.44 31.38
CA LEU D 132 -9.12 -10.02 31.69
C LEU D 132 -10.08 -9.70 32.83
N ARG D 133 -11.31 -10.20 32.76
CA ARG D 133 -12.31 -9.89 33.80
C ARG D 133 -11.86 -10.37 35.16
N GLN D 134 -11.44 -11.63 35.21
CA GLN D 134 -10.98 -12.25 36.46
C GLN D 134 -9.75 -11.53 37.04
N GLN D 135 -8.81 -11.14 36.18
CA GLN D 135 -7.61 -10.43 36.63
C GLN D 135 -7.91 -9.00 37.11
N ALA D 136 -8.80 -8.32 36.40
CA ALA D 136 -9.27 -7.00 36.82
C ALA D 136 -9.99 -7.06 38.17
N THR D 137 -10.83 -8.09 38.33
CA THR D 137 -11.55 -8.30 39.59
C THR D 137 -10.56 -8.53 40.74
N GLN D 138 -9.58 -9.40 40.50
CA GLN D 138 -8.53 -9.67 41.48
C GLN D 138 -7.80 -8.39 41.88
N ALA D 139 -7.47 -7.56 40.89
CA ALA D 139 -6.74 -6.31 41.14
C ALA D 139 -7.54 -5.31 41.98
N GLU D 140 -8.83 -5.14 41.66
CA GLU D 140 -9.74 -4.33 42.49
C GLU D 140 -9.74 -4.84 43.93
N SER D 141 -9.95 -6.15 44.05
CA SER D 141 -10.03 -6.82 45.33
C SER D 141 -8.76 -6.63 46.18
N LEU D 142 -7.60 -6.64 45.52
CA LEU D 142 -6.32 -6.50 46.21
C LEU D 142 -5.88 -5.05 46.44
N GLY D 143 -6.58 -4.11 45.82
CA GLY D 143 -6.29 -2.69 46.01
C GLY D 143 -5.36 -2.05 44.99
N ASP D 144 -4.99 -2.79 43.95
CA ASP D 144 -4.26 -2.22 42.81
C ASP D 144 -5.27 -1.55 41.87
N ARG D 145 -5.62 -0.31 42.19
CA ARG D 145 -6.69 0.39 41.50
C ARG D 145 -6.34 0.68 40.05
N ALA D 146 -5.07 1.01 39.81
CA ALA D 146 -4.63 1.38 38.48
C ALA D 146 -4.56 0.19 37.53
N THR D 147 -4.17 -0.98 38.03
CA THR D 147 -4.16 -2.19 37.21
C THR D 147 -5.58 -2.55 36.76
N ALA D 148 -6.51 -2.51 37.72
CA ALA D 148 -7.93 -2.81 37.45
C ALA D 148 -8.49 -1.88 36.37
N TYR D 149 -8.15 -0.60 36.50
CA TYR D 149 -8.52 0.44 35.54
C TYR D 149 -7.94 0.16 34.16
N LEU D 150 -6.64 -0.11 34.10
CA LEU D 150 -5.96 -0.39 32.84
C LEU D 150 -6.59 -1.60 32.15
N TYR D 151 -6.84 -2.65 32.94
CA TYR D 151 -7.45 -3.88 32.43
C TYR D 151 -8.85 -3.60 31.86
N ASP D 152 -9.63 -2.78 32.56
CA ASP D 152 -10.97 -2.38 32.12
C ASP D 152 -10.91 -1.64 30.78
N GLN D 153 -9.95 -0.71 30.69
CA GLN D 153 -9.68 0.02 29.46
C GLN D 153 -9.39 -0.96 28.32
N ILE D 154 -8.54 -1.95 28.59
CA ILE D 154 -8.21 -2.97 27.59
C ILE D 154 -9.40 -3.90 27.30
N LEU D 155 -10.16 -4.22 28.33
CA LEU D 155 -11.34 -5.07 28.19
C LEU D 155 -12.35 -4.46 27.21
N LEU D 156 -12.59 -3.15 27.34
CA LEU D 156 -13.55 -2.46 26.48
C LEU D 156 -13.22 -2.61 25.00
N LYS D 157 -11.94 -2.45 24.66
CA LYS D 157 -11.48 -2.61 23.28
C LYS D 157 -11.53 -4.07 22.83
N THR D 158 -11.25 -4.97 23.77
CA THR D 158 -11.14 -6.38 23.47
C THR D 158 -12.51 -6.99 23.18
N GLU D 159 -13.50 -6.60 23.99
CA GLU D 159 -14.89 -6.97 23.76
C GLU D 159 -15.38 -6.40 22.43
N GLU D 160 -14.99 -5.16 22.14
CA GLU D 160 -15.36 -4.52 20.89
C GLU D 160 -14.82 -5.27 19.67
N ARG D 161 -13.57 -5.71 19.73
CA ARG D 161 -13.02 -6.55 18.67
C ARG D 161 -13.80 -7.86 18.54
N ALA D 162 -14.06 -8.50 19.67
CA ALA D 162 -14.78 -9.77 19.69
C ALA D 162 -16.15 -9.69 19.00
N TYR D 163 -16.96 -8.70 19.39
CA TYR D 163 -18.29 -8.60 18.78
C TYR D 163 -18.28 -8.06 17.34
N HIS D 164 -17.20 -7.40 16.94
CA HIS D 164 -17.00 -7.03 15.54
C HIS D 164 -16.75 -8.27 14.68
N ILE D 165 -15.99 -9.22 15.22
CA ILE D 165 -15.76 -10.51 14.58
C ILE D 165 -17.09 -11.28 14.47
N GLY D 166 -17.84 -11.33 15.56
CA GLY D 166 -19.16 -11.95 15.56
C GLY D 166 -20.04 -11.48 14.42
N HIS D 167 -20.04 -10.15 14.17
CA HIS D 167 -20.84 -9.58 13.10
C HIS D 167 -20.43 -10.07 11.73
N PHE D 168 -19.13 -10.13 11.49
CA PHE D 168 -18.57 -10.71 10.26
C PHE D 168 -19.04 -12.14 10.03
N LEU D 169 -19.14 -12.91 11.13
CA LEU D 169 -19.49 -14.31 11.07
C LEU D 169 -20.99 -14.55 10.93
N ALA D 170 -21.78 -13.53 11.26
CA ALA D 170 -23.25 -13.62 11.28
C ALA D 170 -23.86 -14.06 9.96
N ASN D 171 -24.99 -14.75 10.05
CA ASN D 171 -25.67 -15.28 8.89
C ASN D 171 -26.54 -14.21 8.19
N ASP D 172 -25.86 -13.34 7.44
CA ASP D 172 -26.51 -12.32 6.61
C ASP D 172 -25.49 -11.92 5.54
N SER D 173 -25.99 -11.45 4.39
CA SER D 173 -25.14 -10.87 3.36
C SER D 173 -25.97 -10.13 2.31
N LEU D 174 -25.28 -9.52 1.34
CA LEU D 174 -25.94 -8.82 0.25
C LEU D 174 -26.37 -9.78 -0.87
N LYS D 175 -25.86 -11.01 -0.83
CA LYS D 175 -26.22 -12.05 -1.81
C LYS D 175 -27.72 -12.38 -1.80
N VAL D 176 -28.41 -12.01 -2.88
CA VAL D 176 -29.86 -12.32 -3.03
C VAL D 176 -30.13 -13.41 -4.07
ZN ZN E . -14.79 8.36 -6.50
ZN ZN F . -17.99 6.80 -4.41
ZN ZN G . 10.02 18.65 -11.68
ZN ZN H . 6.83 16.56 -11.75
FE FE I . -15.01 -0.64 41.48
O1 PG4 J . -4.48 22.30 -8.31
C1 PG4 J . -4.77 23.36 -7.39
C2 PG4 J . -3.94 24.60 -7.76
O2 PG4 J . -4.74 25.69 -8.23
C3 PG4 J . -5.72 25.37 -9.22
C4 PG4 J . -5.13 25.24 -10.62
O3 PG4 J . -4.07 26.18 -10.82
C5 PG4 J . -4.20 26.90 -12.05
C6 PG4 J . -4.44 28.37 -11.72
O4 PG4 J . -5.78 28.75 -12.07
C7 PG4 J . -6.73 28.52 -11.03
C8 PG4 J . -7.88 27.69 -11.60
O5 PG4 J . -8.71 27.14 -10.57
C1 PEG K . -16.26 17.41 -32.54
O1 PEG K . -17.02 17.65 -31.35
C2 PEG K . -15.24 18.52 -32.72
O2 PEG K . -13.94 17.95 -32.83
C3 PEG K . -12.95 18.74 -32.16
C4 PEG K . -12.13 19.51 -33.18
O4 PEG K . -12.53 20.89 -33.14
ZN ZN L . 8.34 4.43 29.22
ZN ZN M . 6.95 2.36 26.46
FE FE N . 22.62 -5.26 -9.26
C1 PEG O . 8.93 7.21 25.18
O1 PEG O . 8.67 6.88 26.55
C2 PEG O . 9.94 6.23 24.60
O2 PEG O . 9.68 5.96 23.23
C3 PEG O . 10.13 6.98 22.34
C4 PEG O . 10.37 6.40 20.96
O4 PEG O . 11.71 6.70 20.57
ZN ZN P . -1.85 -5.25 1.68
ZN ZN Q . -0.14 -5.16 4.90
C1 PEG R . -0.39 -21.39 31.68
O1 PEG R . -0.48 -20.19 32.46
C2 PEG R . -0.41 -22.60 32.62
O2 PEG R . -1.57 -23.40 32.41
C3 PEG R . -2.70 -22.89 33.13
C4 PEG R . -3.59 -24.04 33.59
O4 PEG R . -4.60 -24.26 32.59
#